data_9ME8
#
_entry.id   9ME8
#
_cell.length_a   140.970
_cell.length_b   140.970
_cell.length_c   119.633
_cell.angle_alpha   90.000
_cell.angle_beta   90.000
_cell.angle_gamma   120.000
#
_symmetry.space_group_name_H-M   'P 32 2 1'
#
loop_
_entity.id
_entity.type
_entity.pdbx_description
1 polymer 'Maltose/maltodextrin-binding periplasmic protein,Sentrin-specific protease 3'
2 polymer 'Proline-, glutamic acid- and leucine-rich protein 1'
3 branched alpha-D-glucopyranose-(1-4)-alpha-D-glucopyranose-(1-4)-alpha-D-glucopyranose-(1-4)-alpha-D-glucopyranose
4 non-polymer 'SODIUM ION'
5 water water
#
loop_
_entity_poly.entity_id
_entity_poly.type
_entity_poly.pdbx_seq_one_letter_code
_entity_poly.pdbx_strand_id
1 'polypeptide(L)'
;MKIEEGKLVIWINGDKGYNGLAEVGKKFEKDTGIKVTVEHPDKLEEKFPQVAATGDGPDIIFWAHDRFGGYAQSGLLAEI
TPDKAFQDKLYPFTWDAVRYNGKLIAYPIAVEALSLIYNKDLLPNPPKTWEEIPALDKELKAKGKSALMFNLQEPYFTWP
LIAADGGYAFKYENGKYDIKDVGVDNAGAKAGLTFLVDLIKNKHMNADTDYSIAEAAFNKGETAMTINGPWAWSNIDTSK
VNYGVTVLPTFKGQPSKPFVGVLSAGINAASPNKELAKEFLENYLLTDEGLEAVNKDKPLGAVALKSYEEELAKDPRIAA
TMENAQKGEIMPNIPQMSAFWYAVRTAVINAASGRQTVDAALAAAQTNAAAEEHVTCVQSILDEFLQTYGSLIPLSTDEV
VEKLEDIFQQEFSTPSRKGLVLQLIQSYQRMPGNAMVRGFRVAYKRHVLTMDDLGTLYGQNWLNDQVMNMYGDLVMDTVP
EKVHFFNSFFYDKLRTKGYDGVKRWTKNVDIFNKELLLIPIHLEVHWSLISVDVRRRTITYFDSQRTLNRRCPKHIAKYL
QAEAVKKDRLDFHQGWKGYFKMNVARQNNDSDSGAFVLQYCKHLALSQPFSFTQQDMPKLRRQIYKELCHCKLTV
;
A
2 'polypeptide(L)' AFVHYDKEEASDVEISLE B
#
# COMPACT_ATOMS: atom_id res chain seq x y z
N LYS A 2 -2.36 -15.92 -3.18
CA LYS A 2 -2.29 -16.37 -1.76
C LYS A 2 -0.98 -17.16 -1.53
N ILE A 3 -0.82 -17.72 -0.32
CA ILE A 3 0.42 -18.39 0.06
C ILE A 3 0.30 -19.88 -0.23
N GLU A 4 1.29 -20.40 -0.97
CA GLU A 4 1.35 -21.82 -1.31
C GLU A 4 1.65 -22.66 -0.08
N GLU A 5 1.07 -23.86 -0.05
CA GLU A 5 1.32 -24.83 1.01
C GLU A 5 2.41 -25.80 0.57
N GLY A 6 3.29 -26.17 1.51
CA GLY A 6 4.41 -27.04 1.21
C GLY A 6 5.68 -26.35 0.80
N LYS A 7 5.66 -25.03 0.64
CA LYS A 7 6.84 -24.25 0.31
C LYS A 7 6.98 -23.16 1.37
N LEU A 8 8.21 -22.88 1.77
CA LEU A 8 8.50 -21.78 2.66
C LEU A 8 9.08 -20.62 1.85
N VAL A 9 8.54 -19.42 2.05
CA VAL A 9 8.96 -18.24 1.32
C VAL A 9 9.31 -17.16 2.33
N ILE A 10 10.50 -16.60 2.19
CA ILE A 10 11.10 -15.72 3.20
C ILE A 10 11.35 -14.36 2.59
N TRP A 11 11.14 -13.32 3.40
CA TRP A 11 11.51 -11.95 3.08
C TRP A 11 12.59 -11.49 4.06
N ILE A 12 13.67 -10.93 3.54
CA ILE A 12 14.72 -10.36 4.37
C ILE A 12 15.39 -9.25 3.57
N ASN A 13 15.86 -8.22 4.27
CA ASN A 13 16.36 -7.02 3.61
C ASN A 13 17.66 -7.29 2.87
N GLY A 14 17.92 -6.48 1.84
CA GLY A 14 19.01 -6.75 0.91
C GLY A 14 20.39 -6.59 1.49
N ASP A 15 20.53 -5.86 2.60
CA ASP A 15 21.84 -5.66 3.20
C ASP A 15 22.26 -6.80 4.13
N LYS A 16 21.43 -7.81 4.29
CA LYS A 16 21.78 -8.99 5.06
C LYS A 16 22.28 -10.10 4.13
N GLY A 17 22.74 -11.18 4.74
CA GLY A 17 23.27 -12.30 3.98
C GLY A 17 22.20 -13.23 3.48
N TYR A 18 21.44 -12.78 2.47
CA TYR A 18 20.35 -13.62 1.97
C TYR A 18 20.89 -14.84 1.23
N ASN A 19 22.03 -14.73 0.55
CA ASN A 19 22.62 -15.90 -0.08
C ASN A 19 23.07 -16.92 0.97
N GLY A 20 23.66 -16.43 2.07
CA GLY A 20 24.03 -17.33 3.14
C GLY A 20 22.83 -18.04 3.74
N LEU A 21 21.71 -17.34 3.85
CA LEU A 21 20.49 -17.97 4.32
C LEU A 21 19.96 -18.99 3.30
N ALA A 22 20.12 -18.70 2.01
CA ALA A 22 19.68 -19.63 0.99
C ALA A 22 20.41 -20.96 1.11
N GLU A 23 21.68 -20.93 1.48
CA GLU A 23 22.37 -22.21 1.73
C GLU A 23 21.67 -23.03 2.82
N VAL A 24 21.18 -22.35 3.86
CA VAL A 24 20.42 -23.00 4.93
C VAL A 24 19.14 -23.62 4.37
N GLY A 25 18.46 -22.88 3.51
CA GLY A 25 17.25 -23.41 2.88
C GLY A 25 17.53 -24.62 1.99
N LYS A 26 18.68 -24.63 1.31
CA LYS A 26 19.03 -25.79 0.50
C LYS A 26 19.20 -27.03 1.35
N LYS A 27 19.84 -26.88 2.52
CA LYS A 27 19.93 -28.05 3.41
C LYS A 27 18.53 -28.48 3.88
N PHE A 28 17.67 -27.51 4.21
CA PHE A 28 16.30 -27.85 4.59
C PHE A 28 15.62 -28.66 3.49
N GLU A 29 15.86 -28.28 2.22
CA GLU A 29 15.28 -29.01 1.09
C GLU A 29 15.91 -30.38 0.90
N LYS A 30 17.20 -30.53 1.25
CA LYS A 30 17.83 -31.84 1.10
C LYS A 30 17.38 -32.80 2.19
N ASP A 31 16.97 -32.29 3.35
CA ASP A 31 16.57 -33.15 4.46
C ASP A 31 15.07 -33.35 4.58
N THR A 32 14.26 -32.51 3.91
CA THR A 32 12.81 -32.62 4.02
C THR A 32 12.07 -32.55 2.68
N GLY A 33 12.76 -32.26 1.58
CA GLY A 33 12.12 -32.14 0.30
C GLY A 33 11.36 -30.86 0.09
N ILE A 34 11.46 -29.89 1.00
CA ILE A 34 10.67 -28.67 0.92
C ILE A 34 11.51 -27.55 0.32
N LYS A 35 11.05 -27.02 -0.81
CA LYS A 35 11.69 -25.88 -1.44
C LYS A 35 11.61 -24.68 -0.51
N VAL A 36 12.71 -23.94 -0.43
CA VAL A 36 12.77 -22.72 0.38
C VAL A 36 13.27 -21.60 -0.52
N THR A 37 12.45 -20.56 -0.67
CA THR A 37 12.72 -19.42 -1.52
C THR A 37 13.05 -18.22 -0.64
N VAL A 38 14.09 -17.48 -1.01
CA VAL A 38 14.56 -16.34 -0.22
C VAL A 38 14.56 -15.11 -1.13
N GLU A 39 13.69 -14.14 -0.81
CA GLU A 39 13.52 -12.93 -1.59
C GLU A 39 13.85 -11.73 -0.72
N HIS A 40 14.29 -10.64 -1.35
CA HIS A 40 14.63 -9.41 -0.64
C HIS A 40 14.00 -8.21 -1.33
N PRO A 41 12.67 -8.14 -1.33
CA PRO A 41 11.99 -7.01 -1.99
C PRO A 41 12.36 -5.67 -1.37
N ASP A 42 12.44 -4.66 -2.21
CA ASP A 42 12.59 -3.31 -1.70
C ASP A 42 11.32 -2.94 -0.93
N LYS A 43 11.50 -2.14 0.14
CA LYS A 43 10.41 -1.67 0.98
C LYS A 43 9.55 -2.82 1.51
N LEU A 44 10.20 -3.93 1.87
CA LEU A 44 9.44 -5.10 2.29
C LEU A 44 8.70 -4.89 3.60
N GLU A 45 9.26 -4.05 4.49
CA GLU A 45 8.59 -3.78 5.77
C GLU A 45 7.27 -3.04 5.56
N GLU A 46 7.20 -2.16 4.57
CA GLU A 46 5.92 -1.55 4.23
C GLU A 46 4.99 -2.54 3.54
N LYS A 47 5.55 -3.46 2.76
CA LYS A 47 4.70 -4.36 1.97
C LYS A 47 4.02 -5.39 2.85
N PHE A 48 4.74 -5.93 3.84
CA PHE A 48 4.22 -7.06 4.60
C PHE A 48 2.84 -6.79 5.20
N PRO A 49 2.57 -5.63 5.81
CA PRO A 49 1.19 -5.38 6.25
C PRO A 49 0.18 -5.49 5.12
N GLN A 50 0.43 -4.78 4.01
CA GLN A 50 -0.59 -4.63 2.98
C GLN A 50 -0.99 -5.96 2.38
N VAL A 51 -0.07 -6.91 2.30
CA VAL A 51 -0.33 -8.19 1.65
C VAL A 51 -0.75 -9.26 2.66
N ALA A 52 -0.16 -9.21 3.87
CA ALA A 52 -0.55 -10.20 4.88
C ALA A 52 -1.98 -9.99 5.33
N ALA A 53 -2.51 -8.77 5.21
CA ALA A 53 -3.92 -8.57 5.52
C ALA A 53 -4.81 -9.46 4.63
N THR A 54 -4.43 -9.65 3.38
CA THR A 54 -5.27 -10.33 2.40
C THR A 54 -4.89 -11.81 2.19
N GLY A 55 -3.99 -12.34 2.99
CA GLY A 55 -3.61 -13.74 2.92
C GLY A 55 -2.36 -14.03 2.11
N ASP A 56 -1.96 -13.14 1.21
N ASP A 56 -1.95 -13.15 1.21
CA ASP A 56 -0.71 -13.28 0.48
CA ASP A 56 -0.71 -13.33 0.47
C ASP A 56 0.46 -12.89 1.37
C ASP A 56 0.46 -12.94 1.37
N GLY A 57 1.66 -12.90 0.81
CA GLY A 57 2.85 -12.55 1.55
C GLY A 57 3.75 -13.74 1.83
N PRO A 58 4.81 -13.52 2.60
CA PRO A 58 5.75 -14.60 2.89
C PRO A 58 5.32 -15.45 4.09
N ASP A 59 5.92 -16.63 4.15
CA ASP A 59 5.78 -17.49 5.34
C ASP A 59 6.55 -16.92 6.53
N ILE A 60 7.72 -16.32 6.27
CA ILE A 60 8.59 -15.80 7.34
C ILE A 60 9.07 -14.41 6.94
N ILE A 61 9.13 -13.51 7.93
CA ILE A 61 9.43 -12.10 7.73
C ILE A 61 10.58 -11.72 8.64
N PHE A 62 11.62 -11.11 8.08
CA PHE A 62 12.82 -10.73 8.81
C PHE A 62 12.93 -9.22 8.86
N TRP A 63 13.11 -8.68 10.06
CA TRP A 63 13.34 -7.26 10.25
C TRP A 63 13.74 -7.01 11.69
N ALA A 64 14.40 -5.88 11.92
CA ALA A 64 14.61 -5.40 13.28
C ALA A 64 13.29 -5.39 14.03
N HIS A 65 13.34 -5.69 15.33
CA HIS A 65 12.13 -5.93 16.10
C HIS A 65 11.19 -4.73 16.18
N ASP A 66 11.66 -3.51 15.91
CA ASP A 66 10.84 -2.34 16.18
C ASP A 66 9.54 -2.36 15.39
N ARG A 67 9.54 -2.99 14.22
CA ARG A 67 8.34 -3.00 13.39
C ARG A 67 7.28 -3.97 13.87
N PHE A 68 7.69 -5.03 14.58
CA PHE A 68 6.77 -6.14 14.80
C PHE A 68 5.59 -5.77 15.70
N GLY A 69 5.73 -4.74 16.53
CA GLY A 69 4.57 -4.29 17.28
C GLY A 69 3.41 -3.96 16.36
N GLY A 70 3.68 -3.16 15.32
CA GLY A 70 2.62 -2.82 14.39
C GLY A 70 1.99 -4.03 13.76
N TYR A 71 2.79 -5.08 13.51
CA TYR A 71 2.23 -6.28 12.89
C TYR A 71 1.35 -7.04 13.86
N ALA A 72 1.80 -7.17 15.12
CA ALA A 72 1.03 -7.96 16.08
C ALA A 72 -0.26 -7.24 16.42
N GLN A 73 -0.20 -5.90 16.49
CA GLN A 73 -1.39 -5.10 16.70
C GLN A 73 -2.47 -5.41 15.68
N SER A 74 -2.05 -5.81 14.47
CA SER A 74 -2.97 -6.07 13.37
C SER A 74 -3.23 -7.56 13.16
N GLY A 75 -2.81 -8.40 14.10
CA GLY A 75 -3.08 -9.82 13.98
C GLY A 75 -2.36 -10.49 12.84
N LEU A 76 -1.27 -9.90 12.38
CA LEU A 76 -0.54 -10.45 11.24
C LEU A 76 0.51 -11.47 11.66
N LEU A 77 0.97 -11.44 12.90
CA LEU A 77 1.99 -12.38 13.36
C LEU A 77 1.33 -13.47 14.20
N ALA A 78 1.78 -14.70 13.97
CA ALA A 78 1.34 -15.84 14.76
C ALA A 78 2.25 -16.01 15.96
N GLU A 79 1.69 -16.58 17.03
CA GLU A 79 2.40 -16.67 18.29
C GLU A 79 3.47 -17.76 18.24
N ILE A 80 4.64 -17.43 18.74
CA ILE A 80 5.77 -18.35 18.76
C ILE A 80 5.63 -19.27 19.98
N THR A 81 5.80 -20.57 19.75
CA THR A 81 5.61 -21.60 20.77
C THR A 81 6.81 -22.52 20.77
N PRO A 82 7.93 -22.08 21.36
CA PRO A 82 9.08 -22.97 21.56
C PRO A 82 9.10 -23.62 22.93
N ASP A 83 9.83 -24.72 23.05
CA ASP A 83 10.08 -25.36 24.32
C ASP A 83 10.68 -24.37 25.30
N LYS A 84 10.56 -24.62 26.60
CA LYS A 84 11.43 -23.93 27.56
C LYS A 84 12.89 -24.29 27.29
N ALA A 85 13.14 -25.54 26.86
CA ALA A 85 14.48 -25.97 26.51
C ALA A 85 15.07 -25.12 25.40
N PHE A 86 14.29 -24.88 24.33
CA PHE A 86 14.79 -24.05 23.25
C PHE A 86 14.96 -22.60 23.71
N GLN A 87 14.06 -22.10 24.55
CA GLN A 87 14.15 -20.71 24.99
C GLN A 87 15.41 -20.45 25.82
N ASP A 88 15.86 -21.45 26.59
CA ASP A 88 17.11 -21.27 27.33
C ASP A 88 18.31 -21.08 26.41
N LYS A 89 18.21 -21.53 25.15
CA LYS A 89 19.35 -21.46 24.23
C LYS A 89 19.69 -20.05 23.80
N LEU A 90 18.78 -19.10 23.96
CA LEU A 90 18.98 -17.72 23.53
C LEU A 90 19.01 -16.78 24.73
N TYR A 91 19.78 -15.70 24.61
CA TYR A 91 19.92 -14.75 25.71
C TYR A 91 18.56 -14.14 26.03
N PRO A 92 18.18 -14.06 27.31
CA PRO A 92 16.79 -13.68 27.63
C PRO A 92 16.38 -12.30 27.10
N PHE A 93 17.28 -11.33 27.15
CA PHE A 93 16.92 -9.98 26.74
C PHE A 93 16.66 -9.85 25.25
N THR A 94 17.01 -10.88 24.45
CA THR A 94 16.58 -10.93 23.06
C THR A 94 15.13 -11.38 22.94
N TRP A 95 14.70 -12.33 23.77
CA TRP A 95 13.27 -12.65 23.82
C TRP A 95 12.47 -11.44 24.30
N ASP A 96 13.10 -10.57 25.11
CA ASP A 96 12.41 -9.36 25.52
C ASP A 96 12.03 -8.50 24.31
N ALA A 97 12.94 -8.39 23.35
CA ALA A 97 12.70 -7.55 22.18
C ALA A 97 11.52 -8.03 21.34
N VAL A 98 11.16 -9.30 21.44
CA VAL A 98 10.14 -9.89 20.58
C VAL A 98 8.87 -10.24 21.36
N ARG A 99 8.68 -9.65 22.54
CA ARG A 99 7.49 -9.90 23.36
C ARG A 99 6.62 -8.64 23.33
N TYR A 100 5.42 -8.78 22.80
CA TYR A 100 4.46 -7.68 22.67
C TYR A 100 3.21 -8.05 23.46
N ASN A 101 2.94 -7.31 24.52
CA ASN A 101 1.80 -7.57 25.38
C ASN A 101 1.75 -9.03 25.82
N GLY A 102 2.89 -9.50 26.34
CA GLY A 102 2.98 -10.78 27.00
C GLY A 102 3.12 -11.98 26.10
N LYS A 103 2.94 -11.83 24.79
CA LYS A 103 3.07 -12.93 23.85
C LYS A 103 4.39 -12.80 23.09
N LEU A 104 4.95 -13.95 22.70
CA LEU A 104 6.09 -13.98 21.79
C LEU A 104 5.59 -13.93 20.35
N ILE A 105 6.13 -13.00 19.56
CA ILE A 105 5.68 -12.79 18.19
C ILE A 105 6.76 -13.04 17.15
N ALA A 106 8.02 -13.20 17.55
CA ALA A 106 9.06 -13.55 16.59
C ALA A 106 10.20 -14.24 17.31
N TYR A 107 11.02 -14.95 16.53
CA TYR A 107 12.26 -15.51 17.05
C TYR A 107 13.36 -14.46 16.95
N PRO A 108 14.07 -14.14 18.04
CA PRO A 108 15.25 -13.29 17.91
C PRO A 108 16.34 -14.02 17.14
N ILE A 109 17.20 -13.23 16.48
CA ILE A 109 18.25 -13.79 15.65
C ILE A 109 19.60 -13.23 16.08
N ALA A 110 19.74 -11.90 16.07
CA ALA A 110 21.02 -11.27 16.39
C ALA A 110 20.81 -9.80 16.69
N VAL A 111 21.86 -9.19 17.26
CA VAL A 111 21.78 -7.82 17.78
C VAL A 111 22.69 -6.91 16.97
N GLU A 112 22.15 -5.72 16.64
CA GLU A 112 22.76 -4.79 15.71
C GLU A 112 23.02 -3.46 16.42
N ALA A 113 24.18 -2.88 16.17
CA ALA A 113 24.43 -1.52 16.61
C ALA A 113 25.45 -0.87 15.69
N LEU A 114 25.23 0.41 15.41
CA LEU A 114 26.19 1.17 14.64
C LEU A 114 27.49 1.32 15.41
N SER A 115 28.61 1.28 14.69
CA SER A 115 29.91 1.56 15.28
C SER A 115 30.66 2.47 14.32
N LEU A 116 31.81 2.95 14.76
CA LEU A 116 32.67 3.80 13.94
C LEU A 116 33.69 2.90 13.25
N ILE A 117 33.62 2.83 11.93
CA ILE A 117 34.55 2.06 11.13
C ILE A 117 35.55 3.05 10.50
N TYR A 118 36.84 2.79 10.68
CA TYR A 118 37.87 3.74 10.26
C TYR A 118 38.98 3.02 9.50
N ASN A 119 39.63 3.78 8.61
CA ASN A 119 40.72 3.28 7.78
C ASN A 119 42.02 3.38 8.58
N LYS A 120 42.55 2.24 9.03
CA LYS A 120 43.71 2.24 9.90
C LYS A 120 44.90 2.98 9.28
N ASP A 121 45.04 2.94 7.96
CA ASP A 121 46.26 3.48 7.37
C ASP A 121 46.18 4.99 7.17
N LEU A 122 45.03 5.52 6.78
CA LEU A 122 44.86 6.97 6.78
C LEU A 122 44.88 7.51 8.21
N LEU A 123 44.24 6.80 9.13
CA LEU A 123 43.85 7.34 10.43
C LEU A 123 44.13 6.29 11.48
N PRO A 124 45.40 6.07 11.83
CA PRO A 124 45.70 5.04 12.83
C PRO A 124 45.03 5.29 14.17
N ASN A 125 44.94 6.55 14.61
CA ASN A 125 44.30 6.92 15.87
C ASN A 125 43.05 7.73 15.58
N PRO A 126 41.86 7.12 15.61
CA PRO A 126 40.66 7.84 15.16
C PRO A 126 40.11 8.72 16.26
N PRO A 127 39.38 9.76 15.89
CA PRO A 127 38.91 10.72 16.90
C PRO A 127 37.98 10.05 17.90
N LYS A 128 38.08 10.50 19.15
CA LYS A 128 37.20 10.03 20.20
C LYS A 128 35.97 10.91 20.37
N THR A 129 35.98 12.13 19.84
CA THR A 129 34.89 13.08 20.01
C THR A 129 34.43 13.59 18.66
N TRP A 130 33.13 13.92 18.59
CA TRP A 130 32.57 14.52 17.39
C TRP A 130 33.25 15.85 17.08
N GLU A 131 33.51 16.64 18.12
CA GLU A 131 33.88 18.03 17.93
C GLU A 131 35.24 18.21 17.25
N GLU A 132 36.12 17.22 17.34
CA GLU A 132 37.43 17.33 16.72
C GLU A 132 37.44 16.89 15.26
N ILE A 133 36.33 16.37 14.77
CA ILE A 133 36.26 15.89 13.39
C ILE A 133 36.42 17.01 12.38
N PRO A 134 35.75 18.16 12.55
CA PRO A 134 35.91 19.25 11.57
C PRO A 134 37.35 19.57 11.21
N ALA A 135 38.20 19.80 12.22
CA ALA A 135 39.61 20.11 11.94
C ALA A 135 40.29 18.96 11.23
N LEU A 136 40.01 17.72 11.65
CA LEU A 136 40.54 16.55 10.96
C LEU A 136 40.18 16.59 9.49
N ASP A 137 38.94 16.97 9.18
CA ASP A 137 38.52 16.99 7.78
C ASP A 137 39.26 18.06 6.99
N LYS A 138 39.65 19.16 7.65
CA LYS A 138 40.49 20.13 6.96
C LYS A 138 41.88 19.54 6.70
N GLU A 139 42.37 18.72 7.63
CA GLU A 139 43.71 18.16 7.49
C GLU A 139 43.75 17.12 6.38
N LEU A 140 42.68 16.36 6.21
CA LEU A 140 42.65 15.32 5.19
C LEU A 140 42.29 15.88 3.82
N LYS A 141 41.33 16.83 3.77
CA LYS A 141 40.99 17.44 2.49
C LYS A 141 42.22 18.04 1.83
N ALA A 142 43.18 18.52 2.63
CA ALA A 142 44.44 19.00 2.10
C ALA A 142 45.24 17.86 1.47
N LYS A 143 45.29 16.71 2.12
CA LYS A 143 45.89 15.51 1.56
C LYS A 143 45.12 14.95 0.37
N GLY A 144 43.88 15.39 0.14
CA GLY A 144 43.10 14.96 -1.01
C GLY A 144 41.88 14.13 -0.72
N LYS A 145 41.58 13.85 0.55
CA LYS A 145 40.53 12.90 0.93
C LYS A 145 39.73 13.48 2.09
N SER A 146 38.64 12.80 2.44
CA SER A 146 37.66 13.31 3.39
C SER A 146 37.81 12.65 4.77
N ALA A 147 37.09 13.20 5.74
CA ALA A 147 37.13 12.69 7.11
C ALA A 147 36.09 11.59 7.34
N LEU A 148 34.82 11.92 7.14
CA LEU A 148 33.72 11.02 7.45
C LEU A 148 32.70 11.05 6.32
N MET A 149 32.06 9.91 6.10
CA MET A 149 30.90 9.81 5.22
C MET A 149 30.03 8.65 5.69
N PHE A 150 28.71 8.86 5.69
CA PHE A 150 27.78 7.83 6.11
C PHE A 150 26.38 8.23 5.67
N ASN A 151 25.44 7.31 5.85
CA ASN A 151 24.11 7.44 5.27
C ASN A 151 23.33 8.54 5.97
N LEU A 152 23.07 9.64 5.25
CA LEU A 152 22.31 10.76 5.76
C LEU A 152 20.86 10.77 5.31
N GLN A 153 20.41 9.69 4.66
CA GLN A 153 19.04 9.63 4.18
C GLN A 153 18.14 8.77 5.06
N GLU A 154 18.71 7.92 5.91
CA GLU A 154 17.98 7.19 6.92
C GLU A 154 18.36 7.73 8.30
N PRO A 155 17.39 7.92 9.20
CA PRO A 155 17.70 8.52 10.51
C PRO A 155 18.36 7.55 11.48
N TYR A 156 18.26 6.24 11.24
CA TYR A 156 18.96 5.28 12.08
C TYR A 156 20.43 5.61 12.19
N PHE A 157 21.01 6.12 11.10
CA PHE A 157 22.44 6.44 11.11
C PHE A 157 22.71 7.75 11.84
N THR A 158 21.85 8.74 11.69
CA THR A 158 22.10 10.05 12.29
C THR A 158 21.56 10.16 13.72
N TRP A 159 20.81 9.16 14.18
CA TRP A 159 20.17 9.25 15.49
C TRP A 159 21.16 9.34 16.63
N PRO A 160 22.23 8.55 16.69
CA PRO A 160 23.09 8.56 17.88
C PRO A 160 23.54 9.95 18.30
N LEU A 161 23.88 10.81 17.34
CA LEU A 161 24.29 12.17 17.67
C LEU A 161 23.14 12.93 18.32
N ILE A 162 21.93 12.77 17.79
CA ILE A 162 20.76 13.44 18.36
C ILE A 162 20.55 13.00 19.80
N ALA A 163 20.58 11.70 20.03
CA ALA A 163 20.31 11.17 21.36
C ALA A 163 21.47 11.39 22.34
N ALA A 164 22.64 11.82 21.85
CA ALA A 164 23.80 11.94 22.73
C ALA A 164 23.53 12.87 23.90
N ASP A 165 23.15 14.12 23.61
CA ASP A 165 22.89 15.09 24.65
C ASP A 165 21.43 15.08 25.10
N GLY A 166 20.73 13.98 24.93
CA GLY A 166 19.44 13.79 25.54
C GLY A 166 18.24 13.73 24.62
N GLY A 167 18.44 13.54 23.32
CA GLY A 167 17.32 13.23 22.46
C GLY A 167 16.80 11.84 22.74
N TYR A 168 15.50 11.66 22.56
CA TYR A 168 14.89 10.34 22.74
C TYR A 168 13.54 10.28 22.05
N ALA A 169 13.03 9.05 21.93
CA ALA A 169 11.77 8.82 21.24
C ALA A 169 10.59 8.82 22.20
N PHE A 170 10.55 7.88 23.14
CA PHE A 170 9.42 7.74 24.05
C PHE A 170 9.95 7.55 25.46
N LYS A 171 9.48 8.37 26.40
CA LYS A 171 9.91 8.24 27.79
C LYS A 171 9.55 6.85 28.32
N TYR A 172 10.52 6.18 28.91
CA TYR A 172 10.35 4.82 29.43
C TYR A 172 10.40 4.91 30.95
N GLU A 173 9.23 5.13 31.56
CA GLU A 173 9.12 5.27 33.00
C GLU A 173 8.07 4.30 33.51
N ASN A 174 8.38 3.67 34.64
CA ASN A 174 7.51 2.69 35.30
C ASN A 174 7.03 1.62 34.32
N GLY A 175 8.00 0.97 33.68
CA GLY A 175 7.77 -0.24 32.91
C GLY A 175 7.17 -0.06 31.53
N LYS A 176 6.50 1.05 31.26
CA LYS A 176 5.77 1.26 30.03
C LYS A 176 6.38 2.43 29.27
N TYR A 177 6.05 2.52 27.97
CA TYR A 177 6.44 3.64 27.13
C TYR A 177 5.28 4.64 27.08
N ASP A 178 5.56 5.90 27.41
CA ASP A 178 4.57 6.96 27.34
C ASP A 178 4.64 7.59 25.96
N ILE A 179 3.65 7.27 25.12
CA ILE A 179 3.69 7.74 23.72
C ILE A 179 3.33 9.20 23.58
N LYS A 180 2.90 9.86 24.65
CA LYS A 180 2.66 11.29 24.61
C LYS A 180 3.90 12.11 24.97
N ASP A 181 4.92 11.48 25.56
CA ASP A 181 6.15 12.16 25.97
C ASP A 181 7.24 11.81 24.95
N VAL A 182 7.53 12.76 24.06
CA VAL A 182 8.42 12.53 22.93
C VAL A 182 9.57 13.52 23.02
N GLY A 183 10.79 13.02 22.79
CA GLY A 183 11.98 13.82 22.98
C GLY A 183 12.75 14.16 21.73
N VAL A 184 12.04 14.55 20.67
CA VAL A 184 12.70 14.87 19.41
C VAL A 184 12.83 16.38 19.16
N ASP A 185 12.34 17.23 20.07
CA ASP A 185 12.61 18.65 19.95
C ASP A 185 13.07 19.27 21.27
N ASN A 186 13.53 18.46 22.22
CA ASN A 186 14.22 19.02 23.37
C ASN A 186 15.58 19.54 22.92
N ALA A 187 16.19 20.38 23.76
CA ALA A 187 17.39 21.09 23.34
C ALA A 187 18.57 20.16 23.13
N GLY A 188 18.57 18.95 23.70
CA GLY A 188 19.64 18.01 23.40
C GLY A 188 19.58 17.49 21.97
N ALA A 189 18.38 17.15 21.51
CA ALA A 189 18.21 16.74 20.12
C ALA A 189 18.49 17.90 19.18
N LYS A 190 18.00 19.09 19.53
CA LYS A 190 18.35 20.28 18.74
C LYS A 190 19.86 20.44 18.65
N ALA A 191 20.57 20.21 19.75
CA ALA A 191 22.02 20.34 19.76
C ALA A 191 22.67 19.37 18.79
N GLY A 192 22.25 18.11 18.85
CA GLY A 192 22.83 17.11 17.96
C GLY A 192 22.62 17.45 16.50
N LEU A 193 21.38 17.75 16.12
CA LEU A 193 21.12 17.99 14.70
C LEU A 193 21.77 19.30 14.23
N THR A 194 21.85 20.31 15.11
CA THR A 194 22.51 21.55 14.70
C THR A 194 23.98 21.30 14.39
N PHE A 195 24.66 20.50 15.22
CA PHE A 195 26.05 20.15 14.89
C PHE A 195 26.14 19.48 13.52
N LEU A 196 25.21 18.57 13.24
CA LEU A 196 25.23 17.89 11.95
C LEU A 196 25.07 18.87 10.78
N VAL A 197 24.03 19.70 10.83
CA VAL A 197 23.77 20.61 9.71
C VAL A 197 24.90 21.62 9.59
N ASP A 198 25.57 21.97 10.70
CA ASP A 198 26.76 22.81 10.62
C ASP A 198 27.84 22.13 9.79
N LEU A 199 27.99 20.81 9.94
CA LEU A 199 28.93 20.10 9.07
C LEU A 199 28.51 20.19 7.60
N ILE A 200 27.21 20.15 7.33
CA ILE A 200 26.79 20.30 5.93
C ILE A 200 27.13 21.70 5.41
N LYS A 201 26.91 22.74 6.22
CA LYS A 201 27.18 24.11 5.78
C LYS A 201 28.66 24.44 5.74
N ASN A 202 29.49 23.63 6.41
CA ASN A 202 30.95 23.77 6.36
C ASN A 202 31.57 22.90 5.27
N LYS A 203 30.76 22.25 4.45
CA LYS A 203 31.25 21.37 3.38
C LYS A 203 32.20 20.29 3.92
N HIS A 204 31.96 19.84 5.15
CA HIS A 204 32.65 18.68 5.68
C HIS A 204 31.96 17.38 5.32
N MET A 205 30.65 17.44 5.08
CA MET A 205 29.88 16.32 4.57
C MET A 205 28.88 16.84 3.55
N ASN A 206 28.40 15.94 2.68
CA ASN A 206 27.42 16.28 1.67
C ASN A 206 26.06 15.77 2.13
N ALA A 207 25.04 16.63 2.00
CA ALA A 207 23.70 16.30 2.48
C ALA A 207 23.01 15.23 1.66
N ASP A 208 23.49 14.96 0.45
CA ASP A 208 22.88 13.98 -0.44
C ASP A 208 23.43 12.57 -0.26
N THR A 209 24.43 12.40 0.60
CA THR A 209 25.06 11.08 0.77
C THR A 209 24.04 10.07 1.26
N ASP A 210 23.98 8.92 0.59
CA ASP A 210 23.14 7.79 0.96
C ASP A 210 24.04 6.59 1.27
N TYR A 211 23.42 5.42 1.45
CA TYR A 211 24.19 4.25 1.85
C TYR A 211 25.23 3.89 0.81
N SER A 212 24.81 3.82 -0.47
CA SER A 212 25.72 3.37 -1.54
C SER A 212 26.90 4.30 -1.71
N ILE A 213 26.64 5.61 -1.70
CA ILE A 213 27.71 6.59 -1.86
C ILE A 213 28.75 6.44 -0.75
N ALA A 214 28.30 6.35 0.50
CA ALA A 214 29.23 6.27 1.61
C ALA A 214 30.02 4.97 1.59
N GLU A 215 29.37 3.86 1.27
CA GLU A 215 30.09 2.58 1.24
C GLU A 215 31.20 2.62 0.19
N ALA A 216 30.87 3.13 -1.01
CA ALA A 216 31.91 3.22 -2.04
C ALA A 216 33.04 4.12 -1.60
N ALA A 217 32.72 5.25 -0.97
CA ALA A 217 33.76 6.17 -0.52
C ALA A 217 34.72 5.47 0.44
N PHE A 218 34.18 4.76 1.44
CA PHE A 218 35.05 4.19 2.46
C PHE A 218 35.85 3.01 1.90
N ASN A 219 35.22 2.14 1.13
CA ASN A 219 35.92 0.95 0.66
C ASN A 219 36.93 1.26 -0.44
N LYS A 220 36.78 2.39 -1.13
CA LYS A 220 37.79 2.83 -2.10
C LYS A 220 38.93 3.60 -1.45
N GLY A 221 38.89 3.84 -0.14
CA GLY A 221 39.94 4.59 0.53
C GLY A 221 39.92 6.07 0.23
N GLU A 222 38.77 6.61 -0.12
CA GLU A 222 38.61 8.03 -0.38
C GLU A 222 38.14 8.80 0.85
N THR A 223 37.68 8.10 1.88
CA THR A 223 37.32 8.71 3.16
C THR A 223 37.77 7.78 4.28
N ALA A 224 38.21 8.38 5.38
CA ALA A 224 38.85 7.65 6.46
C ALA A 224 37.89 7.12 7.52
N MET A 225 36.63 7.56 7.52
CA MET A 225 35.71 7.11 8.55
C MET A 225 34.31 6.95 7.98
N THR A 226 33.55 6.06 8.60
CA THR A 226 32.16 5.81 8.24
C THR A 226 31.46 5.22 9.47
N ILE A 227 30.15 5.11 9.38
CA ILE A 227 29.30 4.62 10.46
C ILE A 227 28.38 3.57 9.89
N ASN A 228 28.42 2.36 10.46
CA ASN A 228 27.61 1.26 9.92
C ASN A 228 27.58 0.11 10.91
N GLY A 229 26.79 -0.91 10.56
CA GLY A 229 26.60 -2.08 11.38
C GLY A 229 27.43 -3.26 10.93
N PRO A 230 27.21 -4.42 11.57
CA PRO A 230 28.00 -5.61 11.23
C PRO A 230 27.86 -6.06 9.79
N TRP A 231 26.67 -5.87 9.19
CA TRP A 231 26.43 -6.34 7.84
C TRP A 231 27.40 -5.75 6.82
N ALA A 232 27.99 -4.60 7.12
CA ALA A 232 28.90 -3.97 6.16
C ALA A 232 30.25 -4.66 6.10
N TRP A 233 30.64 -5.35 7.18
CA TRP A 233 32.04 -5.72 7.34
C TRP A 233 32.53 -6.59 6.19
N SER A 234 31.70 -7.53 5.74
CA SER A 234 32.15 -8.46 4.69
C SER A 234 32.61 -7.71 3.44
N ASN A 235 31.87 -6.66 3.03
CA ASN A 235 32.25 -5.96 1.82
C ASN A 235 33.54 -5.16 1.98
N ILE A 236 33.97 -4.92 3.22
CA ILE A 236 35.27 -4.27 3.44
C ILE A 236 36.39 -5.30 3.52
N ASP A 237 36.08 -6.55 3.89
CA ASP A 237 37.13 -7.57 3.88
C ASP A 237 37.70 -7.70 2.47
N THR A 238 36.83 -7.51 1.47
CA THR A 238 37.15 -7.64 0.06
C THR A 238 37.82 -6.42 -0.51
N SER A 239 37.76 -5.28 0.16
CA SER A 239 38.24 -4.04 -0.42
C SER A 239 39.72 -3.82 -0.13
N LYS A 240 40.24 -2.70 -0.62
CA LYS A 240 41.62 -2.29 -0.36
C LYS A 240 41.87 -2.01 1.12
N VAL A 241 40.83 -1.71 1.90
CA VAL A 241 40.99 -1.03 3.18
C VAL A 241 41.31 -2.01 4.29
N ASN A 242 42.24 -1.63 5.16
CA ASN A 242 42.45 -2.29 6.44
C ASN A 242 41.73 -1.46 7.49
N TYR A 243 40.68 -2.04 8.08
CA TYR A 243 39.74 -1.27 8.88
C TYR A 243 39.63 -1.81 10.30
N GLY A 244 39.22 -0.92 11.20
CA GLY A 244 38.90 -1.31 12.55
C GLY A 244 37.49 -0.86 12.91
N VAL A 245 36.97 -1.47 13.97
CA VAL A 245 35.66 -1.14 14.51
C VAL A 245 35.86 -0.63 15.92
N THR A 246 35.41 0.58 16.20
CA THR A 246 35.72 1.25 17.44
C THR A 246 34.48 1.98 17.94
N VAL A 247 34.56 2.46 19.18
CA VAL A 247 33.45 3.18 19.78
C VAL A 247 33.15 4.45 19.00
N LEU A 248 31.87 4.78 18.90
CA LEU A 248 31.47 6.01 18.25
C LEU A 248 32.03 7.20 19.02
N PRO A 249 32.24 8.33 18.36
CA PRO A 249 32.66 9.53 19.09
C PRO A 249 31.59 9.97 20.06
N THR A 250 32.01 10.82 20.99
CA THR A 250 31.13 11.35 22.03
C THR A 250 30.83 12.81 21.69
N PHE A 251 29.56 13.19 21.78
CA PHE A 251 29.13 14.54 21.52
C PHE A 251 28.87 15.22 22.86
N LYS A 252 29.55 16.33 23.11
CA LYS A 252 29.44 17.03 24.39
C LYS A 252 29.77 16.09 25.55
N GLY A 253 30.90 15.39 25.41
CA GLY A 253 31.39 14.53 26.46
C GLY A 253 30.51 13.34 26.81
N GLN A 254 29.40 13.18 26.10
CA GLN A 254 28.49 12.08 26.34
C GLN A 254 28.52 11.10 25.18
N PRO A 255 28.38 9.81 25.45
CA PRO A 255 28.41 8.84 24.35
C PRO A 255 27.25 9.08 23.41
N SER A 256 27.49 8.75 22.14
CA SER A 256 26.41 8.66 21.16
C SER A 256 25.54 7.45 21.49
N LYS A 257 24.21 7.66 21.54
CA LYS A 257 23.27 6.60 21.86
C LYS A 257 22.68 5.97 20.59
N PRO A 258 23.28 4.94 20.01
CA PRO A 258 22.66 4.30 18.84
C PRO A 258 21.45 3.47 19.24
N PHE A 259 20.41 3.53 18.42
CA PHE A 259 19.28 2.66 18.61
C PHE A 259 19.69 1.24 18.24
N VAL A 260 19.39 0.29 19.13
CA VAL A 260 19.84 -1.09 18.97
C VAL A 260 18.67 -1.94 18.48
N GLY A 261 18.89 -2.62 17.35
CA GLY A 261 17.89 -3.46 16.74
C GLY A 261 18.20 -4.94 16.96
N VAL A 262 17.15 -5.74 17.01
CA VAL A 262 17.27 -7.19 17.10
C VAL A 262 16.66 -7.75 15.83
N LEU A 263 17.51 -8.21 14.92
CA LEU A 263 17.01 -8.91 13.75
C LEU A 263 16.15 -10.07 14.23
N SER A 264 14.91 -10.11 13.74
CA SER A 264 13.88 -11.03 14.25
C SER A 264 13.15 -11.65 13.08
N ALA A 265 12.84 -12.94 13.19
CA ALA A 265 12.10 -13.68 12.18
C ALA A 265 10.71 -13.98 12.76
N GLY A 266 9.70 -13.24 12.31
CA GLY A 266 8.33 -13.55 12.62
C GLY A 266 7.67 -14.43 11.56
N ILE A 267 6.43 -14.82 11.85
CA ILE A 267 5.71 -15.78 11.03
C ILE A 267 4.37 -15.19 10.63
N ASN A 268 4.04 -15.31 9.35
CA ASN A 268 2.77 -14.80 8.83
C ASN A 268 1.63 -15.62 9.41
N ALA A 269 0.60 -14.93 9.90
CA ALA A 269 -0.53 -15.59 10.52
C ALA A 269 -1.43 -16.29 9.52
N ALA A 270 -1.36 -15.89 8.25
CA ALA A 270 -2.10 -16.54 7.18
C ALA A 270 -1.29 -17.65 6.52
N SER A 271 -0.23 -18.09 7.16
CA SER A 271 0.63 -19.12 6.58
C SER A 271 0.05 -20.50 6.84
N PRO A 272 -0.16 -21.32 5.82
CA PRO A 272 -0.52 -22.72 6.06
C PRO A 272 0.66 -23.60 6.48
N ASN A 273 1.85 -23.01 6.61
CA ASN A 273 3.10 -23.72 6.84
C ASN A 273 3.74 -23.31 8.16
N LYS A 274 2.92 -23.03 9.17
CA LYS A 274 3.46 -22.52 10.43
C LYS A 274 4.37 -23.55 11.09
N GLU A 275 3.99 -24.82 11.06
CA GLU A 275 4.85 -25.85 11.63
C GLU A 275 6.18 -25.93 10.89
N LEU A 276 6.14 -25.81 9.55
CA LEU A 276 7.36 -25.86 8.76
C LEU A 276 8.31 -24.74 9.14
N ALA A 277 7.78 -23.53 9.32
CA ALA A 277 8.61 -22.40 9.74
C ALA A 277 9.18 -22.64 11.14
N LYS A 278 8.38 -23.22 12.05
CA LYS A 278 8.91 -23.57 13.36
C LYS A 278 10.15 -24.44 13.20
N GLU A 279 10.03 -25.52 12.41
CA GLU A 279 11.15 -26.45 12.25
C GLU A 279 12.36 -25.75 11.66
N PHE A 280 12.14 -24.93 10.62
CA PHE A 280 13.28 -24.30 9.96
C PHE A 280 13.98 -23.32 10.88
N LEU A 281 13.23 -22.47 11.55
CA LEU A 281 13.86 -21.46 12.40
C LEU A 281 14.54 -22.09 13.60
N GLU A 282 13.93 -23.12 14.21
CA GLU A 282 14.50 -23.64 15.44
C GLU A 282 15.65 -24.61 15.20
N ASN A 283 15.57 -25.43 14.16
CA ASN A 283 16.50 -26.55 14.01
C ASN A 283 17.44 -26.44 12.82
N TYR A 284 17.30 -25.41 11.99
CA TYR A 284 18.24 -25.17 10.91
C TYR A 284 18.87 -23.80 10.97
N LEU A 285 18.08 -22.74 11.16
CA LEU A 285 18.65 -21.40 11.18
C LEU A 285 19.36 -21.12 12.51
N LEU A 286 18.68 -21.38 13.61
CA LEU A 286 19.22 -21.08 14.95
C LEU A 286 20.05 -22.24 15.48
N THR A 287 21.01 -22.66 14.65
CA THR A 287 22.08 -23.57 15.05
C THR A 287 23.40 -22.84 14.85
N ASP A 288 24.47 -23.43 15.38
CA ASP A 288 25.79 -22.88 15.11
C ASP A 288 26.04 -22.87 13.61
N GLU A 289 25.71 -23.98 12.95
CA GLU A 289 25.96 -24.12 11.52
C GLU A 289 25.21 -23.05 10.72
N GLY A 290 23.91 -22.88 11.00
CA GLY A 290 23.10 -22.01 10.16
C GLY A 290 23.45 -20.54 10.33
N LEU A 291 23.58 -20.11 11.59
CA LEU A 291 24.02 -18.75 11.82
C LEU A 291 25.39 -18.53 11.22
N GLU A 292 26.24 -19.56 11.22
CA GLU A 292 27.55 -19.41 10.56
C GLU A 292 27.38 -19.05 9.09
N ALA A 293 26.47 -19.76 8.40
CA ALA A 293 26.27 -19.46 6.98
C ALA A 293 25.85 -18.01 6.77
N VAL A 294 24.81 -17.59 7.48
CA VAL A 294 24.33 -16.21 7.30
C VAL A 294 25.44 -15.23 7.66
N ASN A 295 26.20 -15.52 8.71
CA ASN A 295 27.21 -14.59 9.22
C ASN A 295 28.33 -14.42 8.21
N LYS A 296 28.66 -15.51 7.51
CA LYS A 296 29.73 -15.45 6.51
C LYS A 296 29.31 -14.63 5.29
N ASP A 297 28.04 -14.70 4.86
CA ASP A 297 27.66 -13.84 3.75
C ASP A 297 27.76 -12.37 4.15
N LYS A 298 26.93 -11.93 5.11
CA LYS A 298 27.03 -10.57 5.68
C LYS A 298 26.79 -10.71 7.18
N PRO A 299 27.70 -10.22 8.03
CA PRO A 299 27.64 -10.57 9.45
C PRO A 299 26.37 -10.11 10.15
N LEU A 300 25.97 -10.91 11.15
CA LEU A 300 24.80 -10.64 11.97
C LEU A 300 25.13 -9.80 13.19
N GLY A 301 26.34 -9.94 13.71
CA GLY A 301 26.71 -9.28 14.94
C GLY A 301 26.68 -10.25 16.11
N ALA A 302 26.06 -9.82 17.21
CA ALA A 302 26.00 -10.64 18.42
C ALA A 302 24.76 -11.51 18.33
N VAL A 303 24.97 -12.77 17.94
CA VAL A 303 23.83 -13.65 17.75
C VAL A 303 23.16 -13.95 19.10
N ALA A 304 21.87 -14.32 19.03
CA ALA A 304 21.12 -14.67 20.22
C ALA A 304 21.49 -16.05 20.74
N LEU A 305 21.81 -16.99 19.85
CA LEU A 305 22.18 -18.34 20.23
C LEU A 305 23.46 -18.29 21.05
N LYS A 306 23.36 -18.57 22.36
CA LYS A 306 24.49 -18.40 23.25
C LYS A 306 25.68 -19.22 22.77
N SER A 307 25.44 -20.45 22.32
CA SER A 307 26.54 -21.35 22.00
C SER A 307 27.44 -20.77 20.91
N TYR A 308 26.83 -20.27 19.82
CA TYR A 308 27.60 -19.68 18.74
C TYR A 308 28.12 -18.29 19.10
N GLU A 309 27.38 -17.56 19.94
CA GLU A 309 27.81 -16.22 20.32
C GLU A 309 29.11 -16.28 21.10
N GLU A 310 29.23 -17.25 22.01
CA GLU A 310 30.45 -17.39 22.80
C GLU A 310 31.65 -17.70 21.93
N GLU A 311 31.43 -18.29 20.75
CA GLU A 311 32.51 -18.57 19.81
C GLU A 311 32.84 -17.33 18.97
N LEU A 312 31.83 -16.49 18.70
CA LEU A 312 32.07 -15.25 17.97
C LEU A 312 32.53 -14.09 18.85
N ALA A 313 32.27 -14.15 20.17
CA ALA A 313 32.42 -12.97 21.02
C ALA A 313 33.87 -12.51 21.12
N LYS A 314 34.81 -13.38 20.77
CA LYS A 314 36.23 -13.08 20.85
C LYS A 314 36.68 -12.10 19.77
N ASP A 315 35.76 -11.70 18.89
CA ASP A 315 36.07 -10.83 17.74
C ASP A 315 36.10 -9.38 18.19
N PRO A 316 37.19 -8.65 17.96
CA PRO A 316 37.21 -7.23 18.39
C PRO A 316 36.08 -6.40 17.79
N ARG A 317 35.62 -6.76 16.59
CA ARG A 317 34.53 -6.03 15.95
C ARG A 317 33.20 -6.26 16.65
N ILE A 318 32.94 -7.51 17.07
CA ILE A 318 31.75 -7.80 17.86
C ILE A 318 31.82 -7.08 19.20
N ALA A 319 33.00 -7.08 19.82
CA ALA A 319 33.19 -6.39 21.09
C ALA A 319 32.88 -4.90 20.94
N ALA A 320 33.37 -4.28 19.86
CA ALA A 320 33.08 -2.87 19.62
C ALA A 320 31.59 -2.64 19.44
N THR A 321 30.93 -3.51 18.69
CA THR A 321 29.49 -3.31 18.46
C THR A 321 28.73 -3.41 19.77
N MET A 322 29.16 -4.29 20.67
CA MET A 322 28.48 -4.43 21.96
C MET A 322 28.73 -3.22 22.85
N GLU A 323 29.95 -2.67 22.83
CA GLU A 323 30.22 -1.44 23.58
C GLU A 323 29.26 -0.34 23.15
N ASN A 324 29.20 -0.10 21.82
CA ASN A 324 28.26 0.91 21.33
C ASN A 324 26.81 0.57 21.71
N ALA A 325 26.48 -0.71 21.79
CA ALA A 325 25.11 -1.09 22.16
C ALA A 325 24.80 -0.71 23.60
N GLN A 326 25.70 -1.05 24.53
CA GLN A 326 25.47 -0.70 25.93
C GLN A 326 25.32 0.81 26.10
N LYS A 327 26.10 1.59 25.35
CA LYS A 327 25.96 3.04 25.50
C LYS A 327 24.69 3.60 24.84
N GLY A 328 24.03 2.83 23.98
CA GLY A 328 22.77 3.24 23.39
C GLY A 328 21.57 2.75 24.20
N GLU A 329 20.39 2.87 23.60
CA GLU A 329 19.14 2.43 24.19
C GLU A 329 18.45 1.51 23.19
N ILE A 330 17.87 0.43 23.69
CA ILE A 330 17.22 -0.55 22.82
C ILE A 330 15.96 0.06 22.22
N MET A 331 15.73 -0.23 20.95
CA MET A 331 14.53 0.28 20.28
C MET A 331 13.28 -0.23 20.97
N PRO A 332 12.24 0.60 21.10
CA PRO A 332 10.92 0.06 21.45
C PRO A 332 10.42 -0.85 20.35
N ASN A 333 9.37 -1.62 20.66
CA ASN A 333 8.68 -2.42 19.65
C ASN A 333 7.21 -2.01 19.53
N ILE A 334 6.83 -0.86 20.05
CA ILE A 334 5.44 -0.41 20.02
C ILE A 334 5.05 0.01 18.61
N PRO A 335 3.77 -0.04 18.24
CA PRO A 335 3.38 0.37 16.88
C PRO A 335 3.69 1.83 16.57
N GLN A 336 3.83 2.69 17.57
CA GLN A 336 4.15 4.08 17.30
C GLN A 336 5.57 4.27 16.80
N MET A 337 6.44 3.26 16.95
CA MET A 337 7.84 3.39 16.55
C MET A 337 7.95 3.73 15.07
N SER A 338 7.19 3.05 14.22
CA SER A 338 7.22 3.37 12.79
C SER A 338 6.91 4.85 12.56
N ALA A 339 5.84 5.35 13.21
CA ALA A 339 5.50 6.75 13.05
C ALA A 339 6.62 7.65 13.55
N PHE A 340 7.35 7.21 14.58
CA PHE A 340 8.50 7.96 15.05
C PHE A 340 9.56 8.06 13.96
N TRP A 341 9.91 6.93 13.37
CA TRP A 341 11.01 6.92 12.40
C TRP A 341 10.69 7.82 11.22
N TYR A 342 9.48 7.70 10.66
CA TYR A 342 9.07 8.57 9.58
C TYR A 342 9.28 10.03 9.96
N ALA A 343 8.80 10.43 11.15
CA ALA A 343 8.87 11.84 11.54
C ALA A 343 10.31 12.34 11.54
N VAL A 344 11.24 11.51 12.00
CA VAL A 344 12.62 11.97 12.09
C VAL A 344 13.26 12.00 10.72
N ARG A 345 12.93 11.03 9.84
CA ARG A 345 13.57 11.00 8.53
C ARG A 345 13.33 12.31 7.80
N THR A 346 12.08 12.77 7.81
CA THR A 346 11.75 14.03 7.16
C THR A 346 12.46 15.20 7.82
N ALA A 347 12.60 15.16 9.15
CA ALA A 347 13.17 16.31 9.84
C ALA A 347 14.65 16.47 9.52
N VAL A 348 15.40 15.36 9.50
CA VAL A 348 16.83 15.45 9.20
C VAL A 348 17.04 15.90 7.76
N ILE A 349 16.34 15.26 6.82
CA ILE A 349 16.53 15.56 5.40
C ILE A 349 16.25 17.03 5.11
N ASN A 350 15.16 17.56 5.66
CA ASN A 350 14.82 18.96 5.42
C ASN A 350 15.82 19.90 6.08
N ALA A 351 16.35 19.52 7.25
CA ALA A 351 17.24 20.44 7.95
C ALA A 351 18.58 20.57 7.21
N ALA A 352 19.11 19.44 6.74
CA ALA A 352 20.37 19.44 6.02
C ALA A 352 20.25 19.98 4.61
N SER A 353 19.05 19.88 4.02
CA SER A 353 18.81 20.40 2.68
C SER A 353 18.49 21.89 2.69
N GLY A 354 18.46 22.53 3.85
CA GLY A 354 18.21 23.96 3.92
C GLY A 354 16.77 24.37 3.71
N ARG A 355 15.87 23.42 3.42
CA ARG A 355 14.45 23.74 3.26
C ARG A 355 13.76 24.00 4.60
N GLN A 356 14.39 23.63 5.73
CA GLN A 356 13.85 23.92 7.06
C GLN A 356 14.99 24.21 8.02
N THR A 357 14.65 24.90 9.11
CA THR A 357 15.58 25.06 10.21
C THR A 357 15.64 23.80 11.05
N VAL A 358 16.63 23.72 11.92
CA VAL A 358 16.63 22.65 12.93
C VAL A 358 15.40 22.77 13.80
N ASP A 359 15.15 23.96 14.33
CA ASP A 359 14.04 24.12 15.28
C ASP A 359 12.69 23.79 14.62
N ALA A 360 12.48 24.21 13.35
CA ALA A 360 11.20 23.92 12.74
C ALA A 360 11.04 22.46 12.30
N ALA A 361 12.10 21.84 11.78
CA ALA A 361 12.03 20.44 11.38
C ALA A 361 11.74 19.56 12.59
N LEU A 362 12.40 19.85 13.70
CA LEU A 362 12.13 19.09 14.92
C LEU A 362 10.77 19.47 15.52
N ALA A 363 10.31 20.71 15.31
CA ALA A 363 8.95 21.07 15.70
C ALA A 363 7.91 20.22 14.97
N ALA A 364 8.12 20.02 13.67
CA ALA A 364 7.22 19.16 12.90
C ALA A 364 7.29 17.72 13.40
N ALA A 365 8.50 17.19 13.52
CA ALA A 365 8.67 15.80 13.92
C ALA A 365 8.06 15.54 15.30
N GLN A 366 8.21 16.51 16.21
CA GLN A 366 7.65 16.35 17.55
C GLN A 366 6.15 16.05 17.49
N THR A 367 5.39 16.84 16.73
CA THR A 367 3.95 16.62 16.69
C THR A 367 3.62 15.31 15.98
N ASN A 368 4.32 15.00 14.89
CA ASN A 368 3.94 13.81 14.14
C ASN A 368 4.20 12.52 14.92
N ALA A 369 5.33 12.45 15.64
CA ALA A 369 5.66 11.20 16.32
C ALA A 369 4.65 10.86 17.42
N ALA A 370 4.02 11.87 18.02
CA ALA A 370 3.02 11.64 19.06
C ALA A 370 1.60 11.70 18.54
N ALA A 371 1.42 11.84 17.23
CA ALA A 371 0.09 11.93 16.66
C ALA A 371 -0.74 10.71 17.02
N GLU A 372 -2.03 10.94 17.25
CA GLU A 372 -2.95 9.86 17.55
C GLU A 372 -2.93 8.83 16.42
N GLU A 373 -2.78 7.55 16.79
CA GLU A 373 -2.59 6.50 15.78
C GLU A 373 -3.82 6.38 14.87
N HIS A 374 -5.01 6.42 15.47
CA HIS A 374 -6.24 6.24 14.70
C HIS A 374 -6.43 7.38 13.70
N VAL A 375 -6.07 8.59 14.08
CA VAL A 375 -6.23 9.74 13.19
C VAL A 375 -5.34 9.58 11.96
N THR A 376 -4.07 9.26 12.18
CA THR A 376 -3.17 9.11 11.04
C THR A 376 -3.58 7.94 10.16
N CYS A 377 -4.16 6.89 10.75
CA CYS A 377 -4.65 5.79 9.93
C CYS A 377 -5.80 6.23 9.03
N VAL A 378 -6.77 6.97 9.58
CA VAL A 378 -7.87 7.47 8.76
C VAL A 378 -7.33 8.39 7.67
N GLN A 379 -6.32 9.21 8.01
CA GLN A 379 -5.69 10.05 7.01
C GLN A 379 -5.15 9.22 5.85
N SER A 380 -4.41 8.16 6.16
CA SER A 380 -3.82 7.34 5.11
C SER A 380 -4.90 6.66 4.28
N ILE A 381 -5.95 6.14 4.93
CA ILE A 381 -6.99 5.43 4.21
C ILE A 381 -7.67 6.36 3.22
N LEU A 382 -8.05 7.54 3.66
CA LEU A 382 -8.75 8.46 2.75
C LEU A 382 -7.82 9.00 1.68
N ASP A 383 -6.52 9.16 1.98
CA ASP A 383 -5.60 9.60 0.93
C ASP A 383 -5.46 8.54 -0.16
N GLU A 384 -5.36 7.26 0.23
CA GLU A 384 -5.31 6.19 -0.76
C GLU A 384 -6.59 6.13 -1.57
N PHE A 385 -7.75 6.31 -0.91
CA PHE A 385 -9.02 6.32 -1.64
C PHE A 385 -9.05 7.45 -2.67
N LEU A 386 -8.53 8.63 -2.29
CA LEU A 386 -8.51 9.74 -3.25
C LEU A 386 -7.59 9.42 -4.43
N GLN A 387 -6.46 8.75 -4.18
CA GLN A 387 -5.59 8.42 -5.30
C GLN A 387 -6.25 7.39 -6.21
N THR A 388 -7.07 6.49 -5.65
CA THR A 388 -7.65 5.43 -6.45
C THR A 388 -8.87 5.89 -7.26
N TYR A 389 -9.84 6.54 -6.60
CA TYR A 389 -11.09 6.91 -7.25
C TYR A 389 -11.20 8.39 -7.58
N GLY A 390 -10.21 9.19 -7.20
CA GLY A 390 -10.18 10.59 -7.56
C GLY A 390 -10.94 11.52 -6.64
N SER A 391 -11.98 11.00 -5.98
CA SER A 391 -12.77 11.79 -5.03
C SER A 391 -13.25 10.87 -3.92
N LEU A 392 -13.99 11.46 -2.97
CA LEU A 392 -14.66 10.68 -1.94
C LEU A 392 -16.16 10.53 -2.22
N ILE A 393 -16.56 10.76 -3.48
CA ILE A 393 -17.97 10.53 -3.88
C ILE A 393 -18.40 9.08 -3.63
N PRO A 394 -17.64 8.06 -4.03
CA PRO A 394 -18.07 6.67 -3.80
C PRO A 394 -17.77 6.12 -2.41
N LEU A 395 -17.41 6.98 -1.47
CA LEU A 395 -16.97 6.52 -0.17
C LEU A 395 -18.16 6.16 0.71
N SER A 396 -18.08 4.99 1.35
CA SER A 396 -19.03 4.55 2.36
C SER A 396 -18.37 4.65 3.72
N THR A 397 -19.08 5.19 4.70
CA THR A 397 -18.51 5.30 6.05
C THR A 397 -18.21 3.92 6.63
N ASP A 398 -19.13 2.97 6.44
CA ASP A 398 -18.91 1.60 6.90
C ASP A 398 -17.60 1.04 6.37
N GLU A 399 -17.22 1.43 5.16
CA GLU A 399 -15.97 0.98 4.54
C GLU A 399 -14.76 1.34 5.40
N VAL A 400 -14.70 2.61 5.81
CA VAL A 400 -13.62 3.09 6.67
C VAL A 400 -13.66 2.36 8.01
N VAL A 401 -14.87 2.23 8.59
CA VAL A 401 -15.01 1.58 9.89
C VAL A 401 -14.40 0.18 9.84
N GLU A 402 -14.73 -0.58 8.80
CA GLU A 402 -14.24 -1.95 8.69
C GLU A 402 -12.72 -1.99 8.54
N LYS A 403 -12.16 -1.06 7.76
CA LYS A 403 -10.70 -1.07 7.63
C LYS A 403 -10.03 -0.86 8.98
N LEU A 404 -10.53 0.10 9.76
CA LEU A 404 -9.95 0.36 11.08
C LEU A 404 -10.07 -0.86 11.98
N GLU A 405 -11.25 -1.52 11.96
CA GLU A 405 -11.41 -2.75 12.73
C GLU A 405 -10.33 -3.76 12.35
N ASP A 406 -10.01 -3.87 11.07
CA ASP A 406 -8.96 -4.81 10.66
C ASP A 406 -7.61 -4.40 11.20
N ILE A 407 -7.28 -3.11 11.11
CA ILE A 407 -5.93 -2.69 11.40
C ILE A 407 -5.64 -2.81 12.89
N PHE A 408 -6.51 -2.26 13.74
CA PHE A 408 -6.24 -2.21 15.17
C PHE A 408 -6.87 -3.35 15.94
N GLN A 409 -7.63 -4.22 15.28
CA GLN A 409 -8.25 -5.38 15.91
C GLN A 409 -9.15 -4.96 17.07
N GLN A 410 -9.76 -3.78 16.96
CA GLN A 410 -10.74 -3.29 17.89
C GLN A 410 -12.07 -3.15 17.16
N GLU A 411 -13.15 -3.07 17.94
CA GLU A 411 -14.45 -2.72 17.37
C GLU A 411 -14.50 -1.24 17.05
N PHE A 412 -15.27 -0.89 16.01
CA PHE A 412 -15.50 0.51 15.69
C PHE A 412 -16.94 0.79 15.30
N SER A 413 -17.82 -0.20 15.34
CA SER A 413 -19.17 -0.04 14.85
C SER A 413 -20.16 0.37 15.94
N THR A 414 -19.77 0.33 17.21
CA THR A 414 -20.65 0.80 18.26
C THR A 414 -20.87 2.30 18.05
N PRO A 415 -22.03 2.83 18.43
CA PRO A 415 -22.35 4.22 18.03
C PRO A 415 -21.30 5.22 18.44
N SER A 416 -20.79 5.11 19.67
CA SER A 416 -19.80 6.07 20.17
C SER A 416 -18.60 6.14 19.24
N ARG A 417 -18.18 5.00 18.68
CA ARG A 417 -16.97 4.90 17.88
C ARG A 417 -17.19 5.20 16.41
N LYS A 418 -18.21 4.57 15.81
CA LYS A 418 -18.57 4.88 14.43
C LYS A 418 -18.78 6.38 14.26
N GLY A 419 -19.29 7.05 15.30
CA GLY A 419 -19.43 8.50 15.24
C GLY A 419 -18.11 9.24 15.19
N LEU A 420 -17.11 8.76 15.94
CA LEU A 420 -15.78 9.37 15.87
C LEU A 420 -15.17 9.18 14.49
N VAL A 421 -15.38 8.00 13.88
CA VAL A 421 -14.88 7.77 12.53
C VAL A 421 -15.51 8.77 11.57
N LEU A 422 -16.82 8.96 11.67
CA LEU A 422 -17.49 9.91 10.78
C LEU A 422 -16.93 11.32 10.96
N GLN A 423 -16.71 11.74 12.22
CA GLN A 423 -16.17 13.08 12.44
C GLN A 423 -14.78 13.25 11.82
N LEU A 424 -13.94 12.22 11.96
CA LEU A 424 -12.62 12.28 11.34
C LEU A 424 -12.73 12.40 9.82
N ILE A 425 -13.63 11.62 9.21
CA ILE A 425 -13.82 11.71 7.77
C ILE A 425 -14.23 13.12 7.38
N GLN A 426 -15.16 13.71 8.13
CA GLN A 426 -15.65 15.04 7.79
C GLN A 426 -14.55 16.08 7.90
N SER A 427 -13.70 15.98 8.93
CA SER A 427 -12.58 16.91 9.03
C SER A 427 -11.62 16.75 7.86
N TYR A 428 -11.37 15.51 7.43
CA TYR A 428 -10.55 15.29 6.25
C TYR A 428 -11.15 15.98 5.04
N GLN A 429 -12.47 15.83 4.86
CA GLN A 429 -13.12 16.41 3.69
C GLN A 429 -13.07 17.95 3.71
N ARG A 430 -13.10 18.55 4.90
CA ARG A 430 -13.13 19.99 5.00
C ARG A 430 -11.80 20.66 4.68
N MET A 431 -10.69 19.93 4.77
CA MET A 431 -9.40 20.50 4.43
C MET A 431 -9.33 20.78 2.93
N PRO A 432 -8.46 21.71 2.51
CA PRO A 432 -8.32 22.00 1.09
C PRO A 432 -7.53 20.94 0.33
N GLY A 433 -7.90 20.77 -0.93
CA GLY A 433 -7.24 19.80 -1.78
C GLY A 433 -7.67 18.36 -1.56
N ASN A 434 -8.38 18.08 -0.46
CA ASN A 434 -8.86 16.74 -0.14
C ASN A 434 -10.23 16.46 -0.75
N ALA A 435 -10.73 17.35 -1.60
CA ALA A 435 -12.00 17.12 -2.26
C ALA A 435 -11.84 16.17 -3.45
N MET A 436 -10.89 16.49 -4.33
CA MET A 436 -10.70 15.71 -5.54
C MET A 436 -9.26 15.85 -5.99
N VAL A 437 -8.88 14.96 -6.90
CA VAL A 437 -7.53 14.89 -7.43
C VAL A 437 -7.48 15.67 -8.74
N ARG A 438 -6.54 16.59 -8.81
CA ARG A 438 -6.33 17.36 -10.02
C ARG A 438 -5.88 16.41 -11.13
N GLY A 439 -6.56 16.49 -12.27
CA GLY A 439 -6.17 15.70 -13.42
C GLY A 439 -6.39 14.22 -13.28
N PHE A 440 -7.22 13.79 -12.33
CA PHE A 440 -7.49 12.37 -12.21
C PHE A 440 -8.16 11.88 -13.49
N ARG A 441 -7.81 10.68 -13.92
CA ARG A 441 -8.19 10.15 -15.22
C ARG A 441 -8.51 8.67 -15.12
N VAL A 442 -9.45 8.24 -15.94
CA VAL A 442 -9.75 6.82 -16.14
C VAL A 442 -9.81 6.56 -17.65
N ALA A 443 -9.10 5.53 -18.10
CA ALA A 443 -8.98 5.24 -19.53
C ALA A 443 -9.30 3.78 -19.79
N TYR A 444 -10.41 3.53 -20.48
CA TYR A 444 -10.82 2.18 -20.85
C TYR A 444 -11.05 2.15 -22.36
N LYS A 445 -10.13 1.53 -23.08
CA LYS A 445 -10.13 1.51 -24.55
C LYS A 445 -10.17 2.96 -25.02
N ARG A 446 -11.03 3.32 -25.97
CA ARG A 446 -11.05 4.69 -26.47
C ARG A 446 -11.62 5.66 -25.44
N HIS A 447 -12.46 5.18 -24.52
CA HIS A 447 -13.14 6.05 -23.59
C HIS A 447 -12.17 6.73 -22.63
N VAL A 448 -12.52 7.94 -22.21
CA VAL A 448 -11.78 8.65 -21.16
C VAL A 448 -12.77 9.42 -20.28
N LEU A 449 -12.59 9.29 -18.96
CA LEU A 449 -13.39 10.01 -17.96
C LEU A 449 -12.46 10.87 -17.11
N THR A 450 -12.82 12.14 -16.93
CA THR A 450 -12.14 13.00 -15.99
C THR A 450 -13.04 13.18 -14.77
N MET A 451 -12.59 13.99 -13.82
CA MET A 451 -13.43 14.25 -12.65
C MET A 451 -14.68 15.03 -13.03
N ASP A 452 -14.64 15.78 -14.13
CA ASP A 452 -15.86 16.44 -14.61
C ASP A 452 -16.91 15.44 -15.04
N ASP A 453 -16.51 14.21 -15.39
CA ASP A 453 -17.42 13.16 -15.78
C ASP A 453 -17.85 12.32 -14.59
N LEU A 454 -16.89 11.89 -13.78
CA LEU A 454 -17.23 11.16 -12.56
C LEU A 454 -18.07 12.01 -11.63
N GLY A 455 -18.00 13.35 -11.75
CA GLY A 455 -18.78 14.22 -10.89
C GLY A 455 -20.27 14.13 -11.11
N THR A 456 -20.69 13.72 -12.31
CA THR A 456 -22.11 13.61 -12.59
C THR A 456 -22.79 12.48 -11.82
N LEU A 457 -22.01 11.59 -11.20
CA LEU A 457 -22.58 10.52 -10.37
C LEU A 457 -22.86 10.96 -8.94
N TYR A 458 -22.44 12.16 -8.55
CA TYR A 458 -22.62 12.61 -7.19
C TYR A 458 -24.07 13.05 -6.96
N GLY A 459 -24.59 12.73 -5.78
CA GLY A 459 -25.87 13.26 -5.36
C GLY A 459 -26.96 12.91 -6.34
N GLN A 460 -27.62 13.92 -6.89
CA GLN A 460 -28.67 13.72 -7.87
C GLN A 460 -28.35 14.42 -9.19
N ASN A 461 -27.07 14.50 -9.53
CA ASN A 461 -26.66 15.10 -10.79
C ASN A 461 -27.11 14.23 -11.96
N TRP A 462 -27.26 14.86 -13.12
CA TRP A 462 -27.64 14.15 -14.33
C TRP A 462 -26.40 13.49 -14.96
N LEU A 463 -26.42 12.17 -15.08
CA LEU A 463 -25.31 11.50 -15.73
C LEU A 463 -25.17 11.99 -17.17
N ASN A 464 -23.93 12.12 -17.64
CA ASN A 464 -23.66 12.67 -18.94
C ASN A 464 -23.39 11.55 -19.96
N ASP A 465 -23.14 11.96 -21.21
CA ASP A 465 -23.00 10.99 -22.30
C ASP A 465 -21.80 10.07 -22.06
N GLN A 466 -20.68 10.62 -21.61
CA GLN A 466 -19.44 9.85 -21.49
C GLN A 466 -19.58 8.72 -20.48
N VAL A 467 -20.12 9.03 -19.30
CA VAL A 467 -20.32 8.02 -18.26
C VAL A 467 -21.19 6.89 -18.77
N MET A 468 -22.32 7.26 -19.36
CA MET A 468 -23.27 6.26 -19.82
C MET A 468 -22.62 5.35 -20.87
N ASN A 469 -21.92 5.96 -21.83
CA ASN A 469 -21.38 5.16 -22.93
C ASN A 469 -20.27 4.22 -22.46
N MET A 470 -19.36 4.71 -21.61
CA MET A 470 -18.34 3.80 -21.11
C MET A 470 -18.96 2.67 -20.29
N TYR A 471 -19.92 2.98 -19.42
CA TYR A 471 -20.51 1.91 -18.60
C TYR A 471 -21.21 0.88 -19.47
N GLY A 472 -21.81 1.33 -20.57
CA GLY A 472 -22.41 0.38 -21.51
C GLY A 472 -21.36 -0.51 -22.14
N ASP A 473 -20.24 0.07 -22.53
CA ASP A 473 -19.17 -0.75 -23.09
C ASP A 473 -18.68 -1.78 -22.08
N LEU A 474 -18.66 -1.41 -20.77
CA LEU A 474 -18.27 -2.37 -19.73
C LEU A 474 -19.29 -3.51 -19.63
N VAL A 475 -20.58 -3.19 -19.68
CA VAL A 475 -21.60 -4.24 -19.65
C VAL A 475 -21.41 -5.19 -20.83
N MET A 476 -21.21 -4.61 -22.03
CA MET A 476 -21.07 -5.42 -23.23
C MET A 476 -19.83 -6.32 -23.15
N ASP A 477 -18.70 -5.74 -22.78
CA ASP A 477 -17.46 -6.51 -22.69
C ASP A 477 -17.48 -7.51 -21.55
N THR A 478 -18.42 -7.40 -20.60
CA THR A 478 -18.53 -8.43 -19.58
C THR A 478 -19.08 -9.75 -20.16
N VAL A 479 -19.97 -9.68 -21.15
CA VAL A 479 -20.46 -10.86 -21.86
C VAL A 479 -20.52 -10.57 -23.36
N PRO A 480 -19.38 -10.36 -24.02
CA PRO A 480 -19.41 -9.74 -25.37
C PRO A 480 -19.91 -10.65 -26.47
N GLU A 481 -19.87 -11.97 -26.29
CA GLU A 481 -20.42 -12.88 -27.28
C GLU A 481 -21.95 -12.93 -27.27
N LYS A 482 -22.60 -12.32 -26.26
CA LYS A 482 -24.04 -12.30 -26.16
C LYS A 482 -24.64 -10.89 -26.25
N VAL A 483 -23.86 -9.85 -25.98
CA VAL A 483 -24.38 -8.50 -25.86
C VAL A 483 -23.62 -7.55 -26.78
N HIS A 484 -24.36 -6.65 -27.42
CA HIS A 484 -23.77 -5.50 -28.09
C HIS A 484 -24.49 -4.25 -27.62
N PHE A 485 -23.74 -3.16 -27.46
CA PHE A 485 -24.24 -1.92 -26.88
C PHE A 485 -23.99 -0.76 -27.84
N PHE A 486 -25.08 -0.15 -28.32
CA PHE A 486 -25.00 1.07 -29.12
C PHE A 486 -24.90 2.28 -28.20
N ASN A 487 -24.02 3.21 -28.51
CA ASN A 487 -23.90 4.37 -27.65
C ASN A 487 -25.07 5.34 -27.89
N SER A 488 -25.07 6.43 -27.11
CA SER A 488 -26.25 7.31 -27.06
C SER A 488 -26.44 8.10 -28.34
N PHE A 489 -25.38 8.27 -29.12
CA PHE A 489 -25.47 9.05 -30.34
C PHE A 489 -26.18 8.32 -31.46
N PHE A 490 -26.30 6.99 -31.34
CA PHE A 490 -26.98 6.21 -32.37
C PHE A 490 -28.39 6.72 -32.60
N TYR A 491 -29.17 6.83 -31.52
CA TYR A 491 -30.61 7.04 -31.71
C TYR A 491 -30.87 8.37 -32.40
N ASP A 492 -30.23 9.45 -31.95
CA ASP A 492 -30.49 10.75 -32.57
C ASP A 492 -30.23 10.72 -34.07
N LYS A 493 -29.20 9.97 -34.52
CA LYS A 493 -28.95 9.87 -35.95
C LYS A 493 -30.06 9.07 -36.63
N LEU A 494 -30.42 7.92 -36.05
CA LEU A 494 -31.42 7.06 -36.69
C LEU A 494 -32.77 7.76 -36.78
N ARG A 495 -33.09 8.55 -35.77
CA ARG A 495 -34.38 9.23 -35.74
C ARG A 495 -34.47 10.28 -36.82
N THR A 496 -33.35 10.91 -37.14
CA THR A 496 -33.38 12.07 -38.02
C THR A 496 -33.17 11.70 -39.47
N LYS A 497 -32.30 10.72 -39.73
CA LYS A 497 -31.84 10.43 -41.08
C LYS A 497 -32.03 8.97 -41.45
N GLY A 498 -32.88 8.26 -40.72
CA GLY A 498 -33.18 6.86 -41.02
C GLY A 498 -31.95 5.99 -41.12
N TYR A 499 -32.11 4.80 -41.72
CA TYR A 499 -31.03 3.84 -41.75
C TYR A 499 -29.77 4.40 -42.40
N ASP A 500 -29.92 5.39 -43.28
CA ASP A 500 -28.75 5.92 -43.99
C ASP A 500 -27.82 6.69 -43.07
N GLY A 501 -28.33 7.22 -41.95
CA GLY A 501 -27.47 7.88 -41.00
C GLY A 501 -26.71 6.96 -40.08
N VAL A 502 -27.07 5.68 -40.06
CA VAL A 502 -26.43 4.72 -39.18
C VAL A 502 -26.07 3.46 -39.95
N LYS A 503 -26.09 3.54 -41.28
CA LYS A 503 -25.85 2.36 -42.10
C LYS A 503 -24.42 1.82 -41.96
N ARG A 504 -23.47 2.67 -41.55
CA ARG A 504 -22.10 2.24 -41.32
C ARG A 504 -21.80 2.07 -39.84
N TRP A 505 -22.83 2.01 -39.00
CA TRP A 505 -22.62 2.00 -37.55
C TRP A 505 -21.88 0.75 -37.10
N THR A 506 -22.49 -0.41 -37.30
CA THR A 506 -21.86 -1.68 -36.98
C THR A 506 -20.74 -1.92 -37.98
N LYS A 507 -19.49 -1.70 -37.56
CA LYS A 507 -18.40 -1.78 -38.51
C LYS A 507 -18.35 -3.20 -39.08
N ASN A 508 -17.93 -4.16 -38.26
CA ASN A 508 -17.84 -5.55 -38.68
C ASN A 508 -18.77 -6.43 -37.83
N VAL A 509 -19.68 -5.82 -37.09
CA VAL A 509 -20.46 -6.52 -36.10
C VAL A 509 -21.73 -7.03 -36.77
N ASP A 510 -21.95 -8.34 -36.66
CA ASP A 510 -23.22 -8.95 -37.07
C ASP A 510 -24.09 -9.01 -35.82
N ILE A 511 -24.92 -7.99 -35.63
CA ILE A 511 -25.75 -7.94 -34.44
C ILE A 511 -26.67 -9.15 -34.33
N PHE A 512 -26.93 -9.83 -35.44
CA PHE A 512 -27.88 -10.93 -35.43
C PHE A 512 -27.28 -12.25 -34.95
N ASN A 513 -25.99 -12.26 -34.62
CA ASN A 513 -25.42 -13.38 -33.88
C ASN A 513 -25.40 -13.12 -32.39
N LYS A 514 -25.67 -11.89 -31.96
CA LYS A 514 -25.83 -11.57 -30.56
C LYS A 514 -27.19 -12.05 -30.04
N GLU A 515 -27.30 -12.11 -28.71
CA GLU A 515 -28.56 -12.41 -28.06
C GLU A 515 -29.30 -11.17 -27.59
N LEU A 516 -28.58 -10.08 -27.31
CA LEU A 516 -29.20 -8.89 -26.73
C LEU A 516 -28.48 -7.65 -27.24
N LEU A 517 -29.28 -6.65 -27.66
CA LEU A 517 -28.77 -5.35 -28.07
C LEU A 517 -29.39 -4.29 -27.19
N LEU A 518 -28.56 -3.39 -26.65
CA LEU A 518 -28.99 -2.37 -25.72
C LEU A 518 -28.78 -0.99 -26.35
N ILE A 519 -29.82 -0.17 -26.33
CA ILE A 519 -29.83 1.10 -27.04
C ILE A 519 -30.41 2.19 -26.15
N PRO A 520 -29.57 3.01 -25.52
CA PRO A 520 -30.09 4.14 -24.74
C PRO A 520 -30.76 5.19 -25.59
N ILE A 521 -31.67 5.94 -24.96
CA ILE A 521 -32.53 6.88 -25.65
C ILE A 521 -32.50 8.20 -24.87
N HIS A 522 -31.63 9.11 -25.29
CA HIS A 522 -31.38 10.36 -24.57
C HIS A 522 -32.17 11.48 -25.21
N LEU A 523 -33.25 11.91 -24.56
CA LEU A 523 -34.06 13.04 -25.01
C LEU A 523 -34.08 14.11 -23.93
N GLU A 524 -33.65 15.32 -24.28
CA GLU A 524 -33.47 16.42 -23.34
C GLU A 524 -32.60 15.96 -22.17
N VAL A 525 -33.18 15.74 -20.99
CA VAL A 525 -32.43 15.30 -19.82
C VAL A 525 -32.82 13.91 -19.35
N HIS A 526 -33.83 13.29 -19.95
CA HIS A 526 -34.33 12.01 -19.53
C HIS A 526 -33.70 10.88 -20.33
N TRP A 527 -33.35 9.80 -19.64
CA TRP A 527 -32.78 8.63 -20.27
C TRP A 527 -33.83 7.51 -20.29
N SER A 528 -33.98 6.87 -21.44
CA SER A 528 -34.82 5.69 -21.57
C SER A 528 -33.93 4.57 -22.11
N LEU A 529 -34.55 3.45 -22.48
CA LEU A 529 -33.77 2.32 -22.98
C LEU A 529 -34.59 1.45 -23.91
N ILE A 530 -33.91 0.88 -24.90
CA ILE A 530 -34.47 -0.10 -25.81
C ILE A 530 -33.69 -1.40 -25.63
N SER A 531 -34.40 -2.53 -25.56
CA SER A 531 -33.80 -3.83 -25.40
C SER A 531 -34.32 -4.75 -26.49
N VAL A 532 -33.42 -5.23 -27.34
CA VAL A 532 -33.78 -6.13 -28.43
C VAL A 532 -33.36 -7.54 -28.03
N ASP A 533 -34.35 -8.43 -27.87
CA ASP A 533 -34.07 -9.85 -27.74
C ASP A 533 -34.00 -10.39 -29.16
N VAL A 534 -32.78 -10.65 -29.61
CA VAL A 534 -32.57 -11.07 -30.99
C VAL A 534 -33.20 -12.44 -31.23
N ARG A 535 -33.00 -13.38 -30.31
CA ARG A 535 -33.53 -14.73 -30.50
C ARG A 535 -35.05 -14.74 -30.57
N ARG A 536 -35.71 -14.00 -29.68
CA ARG A 536 -37.17 -13.99 -29.68
C ARG A 536 -37.75 -12.92 -30.58
N ARG A 537 -36.89 -12.07 -31.15
CA ARG A 537 -37.27 -11.01 -32.09
C ARG A 537 -38.36 -10.12 -31.48
N THR A 538 -37.93 -9.45 -30.42
CA THR A 538 -38.76 -8.53 -29.66
C THR A 538 -37.98 -7.24 -29.44
N ILE A 539 -38.66 -6.12 -29.61
CA ILE A 539 -38.15 -4.79 -29.27
C ILE A 539 -38.94 -4.33 -28.05
N THR A 540 -38.24 -3.84 -27.02
CA THR A 540 -38.86 -3.55 -25.74
C THR A 540 -38.35 -2.25 -25.13
N TYR A 541 -39.27 -1.38 -24.72
CA TYR A 541 -38.95 -0.03 -24.29
C TYR A 541 -39.10 0.10 -22.80
N PHE A 542 -38.02 0.53 -22.14
CA PHE A 542 -37.95 0.71 -20.69
C PHE A 542 -37.95 2.19 -20.37
N ASP A 543 -38.90 2.64 -19.55
CA ASP A 543 -38.88 4.01 -19.03
C ASP A 543 -39.05 3.98 -17.53
N SER A 544 -38.13 4.63 -16.82
CA SER A 544 -38.19 4.67 -15.36
C SER A 544 -39.37 5.49 -14.86
N GLN A 545 -40.08 6.19 -15.73
CA GLN A 545 -41.28 6.94 -15.35
C GLN A 545 -42.54 6.32 -15.97
N ARG A 546 -42.44 5.09 -16.46
CA ARG A 546 -43.59 4.36 -17.00
C ARG A 546 -44.32 5.16 -18.09
N THR A 547 -43.54 5.84 -18.92
CA THR A 547 -44.06 6.54 -20.10
C THR A 547 -43.44 5.98 -21.36
N LEU A 548 -44.29 5.55 -22.29
CA LEU A 548 -43.86 4.99 -23.56
C LEU A 548 -43.61 6.09 -24.57
N ASN A 549 -42.52 5.93 -25.34
CA ASN A 549 -42.24 6.78 -26.49
C ASN A 549 -42.59 5.97 -27.72
N ARG A 550 -43.75 6.24 -28.30
CA ARG A 550 -44.30 5.35 -29.31
C ARG A 550 -43.43 5.28 -30.55
N ARG A 551 -42.83 6.41 -30.96
CA ARG A 551 -42.05 6.44 -32.19
C ARG A 551 -40.69 5.74 -32.05
N CYS A 552 -40.17 5.64 -30.84
CA CYS A 552 -38.83 5.06 -30.63
C CYS A 552 -38.75 3.61 -31.07
N PRO A 553 -39.60 2.68 -30.60
CA PRO A 553 -39.48 1.29 -31.06
C PRO A 553 -39.77 1.12 -32.54
N LYS A 554 -40.61 1.99 -33.12
CA LYS A 554 -40.86 1.94 -34.56
C LYS A 554 -39.59 2.27 -35.34
N HIS A 555 -38.88 3.33 -34.91
CA HIS A 555 -37.59 3.63 -35.53
C HIS A 555 -36.66 2.44 -35.42
N ILE A 556 -36.61 1.82 -34.22
CA ILE A 556 -35.71 0.69 -34.02
C ILE A 556 -36.07 -0.46 -34.95
N ALA A 557 -37.36 -0.71 -35.14
CA ALA A 557 -37.79 -1.82 -35.99
C ALA A 557 -37.40 -1.60 -37.44
N LYS A 558 -37.65 -0.38 -37.95
CA LYS A 558 -37.22 -0.09 -39.32
C LYS A 558 -35.72 -0.32 -39.45
N TYR A 559 -34.96 0.13 -38.46
CA TYR A 559 -33.51 -0.07 -38.53
C TYR A 559 -33.14 -1.55 -38.60
N LEU A 560 -33.78 -2.36 -37.76
CA LEU A 560 -33.40 -3.77 -37.69
C LEU A 560 -33.68 -4.49 -39.00
N GLN A 561 -34.84 -4.19 -39.63
CA GLN A 561 -35.12 -4.81 -40.93
C GLN A 561 -34.10 -4.36 -41.98
N ALA A 562 -33.77 -3.06 -41.97
CA ALA A 562 -32.79 -2.56 -42.94
C ALA A 562 -31.44 -3.24 -42.77
N GLU A 563 -31.02 -3.45 -41.52
CA GLU A 563 -29.74 -4.10 -41.25
C GLU A 563 -29.77 -5.55 -41.69
N ALA A 564 -30.91 -6.22 -41.52
CA ALA A 564 -31.04 -7.60 -41.99
C ALA A 564 -30.91 -7.66 -43.51
N VAL A 565 -31.38 -6.63 -44.21
CA VAL A 565 -31.24 -6.59 -45.65
C VAL A 565 -29.78 -6.39 -46.05
N LYS A 566 -29.12 -5.37 -45.48
CA LYS A 566 -27.77 -5.02 -45.90
C LYS A 566 -26.69 -5.95 -45.34
N LYS A 567 -27.03 -6.85 -44.42
CA LYS A 567 -26.06 -7.82 -43.89
C LYS A 567 -26.35 -9.25 -44.34
N ASP A 568 -27.28 -9.45 -45.28
CA ASP A 568 -27.60 -10.78 -45.81
C ASP A 568 -28.05 -11.71 -44.67
N ARG A 569 -28.79 -11.15 -43.72
CA ARG A 569 -29.30 -11.90 -42.57
C ARG A 569 -30.83 -11.88 -42.62
N LEU A 570 -31.42 -12.21 -43.77
CA LEU A 570 -32.85 -12.10 -43.96
C LEU A 570 -33.65 -13.13 -43.17
N ASP A 571 -33.01 -14.12 -42.54
CA ASP A 571 -33.73 -14.98 -41.60
C ASP A 571 -34.11 -14.23 -40.32
N PHE A 572 -33.54 -13.05 -40.09
CA PHE A 572 -33.93 -12.19 -38.98
C PHE A 572 -34.80 -11.02 -39.43
N HIS A 573 -35.29 -11.03 -40.68
CA HIS A 573 -35.99 -9.85 -41.18
C HIS A 573 -37.38 -9.70 -40.56
N GLN A 574 -37.99 -10.79 -40.10
CA GLN A 574 -39.40 -10.76 -39.75
C GLN A 574 -39.70 -11.34 -38.40
N GLY A 575 -40.90 -10.99 -37.91
CA GLY A 575 -41.43 -11.53 -36.69
C GLY A 575 -41.40 -10.59 -35.51
N TRP A 576 -40.96 -9.35 -35.71
CA TRP A 576 -40.69 -8.48 -34.58
C TRP A 576 -41.97 -7.97 -33.95
N LYS A 577 -42.00 -7.94 -32.62
CA LYS A 577 -43.11 -7.39 -31.87
C LYS A 577 -42.57 -6.42 -30.82
N GLY A 578 -43.31 -5.34 -30.60
CA GLY A 578 -42.91 -4.32 -29.65
C GLY A 578 -43.60 -4.53 -28.31
N TYR A 579 -42.92 -4.10 -27.23
CA TYR A 579 -43.45 -4.22 -25.89
C TYR A 579 -43.03 -3.01 -25.06
N PHE A 580 -43.91 -2.61 -24.15
CA PHE A 580 -43.62 -1.61 -23.14
C PHE A 580 -43.40 -2.37 -21.84
N LYS A 581 -42.20 -2.22 -21.27
CA LYS A 581 -41.81 -3.05 -20.15
C LYS A 581 -42.59 -2.68 -18.89
N MET A 582 -43.15 -3.69 -18.25
CA MET A 582 -43.87 -3.57 -16.99
C MET A 582 -43.09 -4.29 -15.89
N ASN A 583 -43.32 -3.88 -14.64
CA ASN A 583 -42.70 -4.48 -13.47
C ASN A 583 -41.18 -4.33 -13.49
N VAL A 584 -40.72 -3.09 -13.52
CA VAL A 584 -39.34 -2.73 -13.25
C VAL A 584 -39.35 -1.50 -12.34
N ALA A 585 -38.17 -1.08 -11.90
CA ALA A 585 -38.07 0.04 -10.98
C ALA A 585 -38.61 1.32 -11.61
N ARG A 586 -39.05 2.25 -10.77
CA ARG A 586 -39.65 3.49 -11.23
C ARG A 586 -39.18 4.64 -10.36
N GLN A 587 -38.59 5.66 -10.99
CA GLN A 587 -38.12 6.83 -10.26
C GLN A 587 -39.28 7.70 -9.79
N ASN A 588 -39.05 8.40 -8.68
CA ASN A 588 -39.96 9.42 -8.17
C ASN A 588 -39.47 10.84 -8.42
N ASN A 589 -38.15 11.06 -8.49
CA ASN A 589 -37.60 12.35 -8.87
C ASN A 589 -37.43 12.40 -10.39
N ASP A 590 -36.70 13.40 -10.88
CA ASP A 590 -36.50 13.63 -12.31
C ASP A 590 -35.04 13.51 -12.72
N SER A 591 -34.18 12.96 -11.86
CA SER A 591 -32.75 13.15 -12.00
C SER A 591 -31.93 11.86 -11.91
N ASP A 592 -32.53 10.72 -11.59
CA ASP A 592 -31.82 9.45 -11.52
C ASP A 592 -32.00 8.59 -12.78
N SER A 593 -32.55 9.15 -13.86
CA SER A 593 -32.95 8.35 -15.01
C SER A 593 -31.78 7.58 -15.61
N GLY A 594 -30.65 8.26 -15.81
CA GLY A 594 -29.50 7.59 -16.40
C GLY A 594 -29.07 6.37 -15.59
N ALA A 595 -29.08 6.49 -14.27
CA ALA A 595 -28.68 5.39 -13.40
C ALA A 595 -29.64 4.21 -13.52
N PHE A 596 -30.95 4.49 -13.55
CA PHE A 596 -31.94 3.45 -13.78
C PHE A 596 -31.59 2.68 -15.05
N VAL A 597 -31.27 3.40 -16.12
CA VAL A 597 -31.02 2.76 -17.41
C VAL A 597 -29.78 1.86 -17.32
N LEU A 598 -28.70 2.37 -16.73
CA LEU A 598 -27.49 1.56 -16.63
C LEU A 598 -27.75 0.27 -15.84
N GLN A 599 -28.53 0.37 -14.75
CA GLN A 599 -28.84 -0.84 -13.99
C GLN A 599 -29.70 -1.81 -14.80
N TYR A 600 -30.69 -1.28 -15.53
CA TYR A 600 -31.46 -2.12 -16.45
C TYR A 600 -30.55 -2.92 -17.36
N CYS A 601 -29.60 -2.22 -18.01
CA CYS A 601 -28.68 -2.88 -18.92
C CYS A 601 -27.90 -3.98 -18.22
N LYS A 602 -27.35 -3.65 -17.04
CA LYS A 602 -26.47 -4.57 -16.35
C LYS A 602 -27.20 -5.87 -16.05
N HIS A 603 -28.44 -5.78 -15.60
CA HIS A 603 -29.13 -7.00 -15.20
C HIS A 603 -29.93 -7.64 -16.31
N LEU A 604 -30.03 -6.99 -17.47
CA LEU A 604 -30.43 -7.69 -18.69
C LEU A 604 -29.28 -8.57 -19.21
N ALA A 605 -28.08 -8.01 -19.20
CA ALA A 605 -26.93 -8.76 -19.72
C ALA A 605 -26.59 -9.93 -18.83
N LEU A 606 -26.49 -9.69 -17.51
CA LEU A 606 -25.99 -10.73 -16.60
C LEU A 606 -27.03 -11.79 -16.25
N SER A 607 -28.33 -11.48 -16.39
CA SER A 607 -29.41 -12.44 -16.17
C SER A 607 -29.23 -13.18 -14.85
N GLN A 608 -29.10 -12.40 -13.77
CA GLN A 608 -29.04 -12.91 -12.41
C GLN A 608 -30.20 -12.33 -11.61
N PRO A 609 -30.65 -13.03 -10.56
CA PRO A 609 -31.75 -12.50 -9.73
C PRO A 609 -31.35 -11.16 -9.12
N PHE A 610 -32.16 -10.15 -9.39
CA PHE A 610 -31.82 -8.81 -8.91
C PHE A 610 -33.03 -7.90 -8.98
N SER A 611 -33.12 -7.00 -8.00
CA SER A 611 -34.11 -5.95 -7.94
C SER A 611 -33.47 -4.73 -7.29
N PHE A 612 -34.02 -3.57 -7.60
CA PHE A 612 -33.54 -2.33 -7.00
C PHE A 612 -34.71 -1.35 -6.99
N THR A 613 -34.47 -0.17 -6.42
CA THR A 613 -35.52 0.82 -6.28
C THR A 613 -34.91 2.22 -6.34
N GLN A 614 -35.79 3.22 -6.38
CA GLN A 614 -35.33 4.62 -6.28
C GLN A 614 -34.47 4.80 -5.04
N GLN A 615 -34.85 4.18 -3.92
CA GLN A 615 -34.14 4.35 -2.67
C GLN A 615 -32.79 3.62 -2.65
N ASP A 616 -32.57 2.69 -3.58
CA ASP A 616 -31.26 2.09 -3.74
C ASP A 616 -30.32 2.96 -4.56
N MET A 617 -30.80 4.07 -5.11
CA MET A 617 -29.97 4.85 -6.03
C MET A 617 -28.71 5.41 -5.41
N PRO A 618 -28.70 5.98 -4.20
CA PRO A 618 -27.41 6.43 -3.66
C PRO A 618 -26.38 5.33 -3.58
N LYS A 619 -26.77 4.12 -3.19
CA LYS A 619 -25.83 3.01 -3.16
C LYS A 619 -25.31 2.73 -4.56
N LEU A 620 -26.25 2.53 -5.50
CA LEU A 620 -25.87 2.10 -6.84
C LEU A 620 -25.04 3.15 -7.55
N ARG A 621 -25.29 4.45 -7.27
CA ARG A 621 -24.44 5.48 -7.88
C ARG A 621 -23.00 5.29 -7.45
N ARG A 622 -22.79 5.10 -6.14
CA ARG A 622 -21.45 4.80 -5.66
C ARG A 622 -20.90 3.58 -6.40
N GLN A 623 -21.72 2.53 -6.50
CA GLN A 623 -21.24 1.30 -7.13
C GLN A 623 -20.84 1.56 -8.58
N ILE A 624 -21.64 2.34 -9.31
CA ILE A 624 -21.33 2.59 -10.71
C ILE A 624 -19.99 3.30 -10.82
N TYR A 625 -19.79 4.32 -9.97
CA TYR A 625 -18.52 5.03 -9.93
C TYR A 625 -17.39 4.04 -9.79
N LYS A 626 -17.51 3.13 -8.83
CA LYS A 626 -16.40 2.23 -8.55
C LYS A 626 -16.16 1.29 -9.71
N GLU A 627 -17.25 0.77 -10.32
CA GLU A 627 -17.09 -0.14 -11.45
C GLU A 627 -16.34 0.56 -12.58
N LEU A 628 -16.68 1.84 -12.81
CA LEU A 628 -16.03 2.58 -13.87
C LEU A 628 -14.54 2.66 -13.60
N CYS A 629 -14.15 2.99 -12.37
CA CYS A 629 -12.73 3.14 -12.11
C CYS A 629 -12.03 1.80 -12.22
N HIS A 630 -12.74 0.71 -11.87
CA HIS A 630 -12.14 -0.61 -11.95
C HIS A 630 -12.09 -1.11 -13.37
N CYS A 631 -12.91 -0.55 -14.25
CA CYS A 631 -13.09 -1.12 -15.58
C CYS A 631 -13.53 -2.57 -15.47
N LYS A 632 -14.41 -2.83 -14.53
CA LYS A 632 -14.92 -4.17 -14.30
C LYS A 632 -16.25 -3.99 -13.58
N LEU A 633 -17.23 -4.78 -13.98
CA LEU A 633 -18.48 -4.76 -13.23
C LEU A 633 -18.30 -5.51 -11.92
N THR A 634 -19.28 -5.35 -11.05
CA THR A 634 -19.30 -6.01 -9.74
C THR A 634 -20.20 -7.23 -9.83
N VAL A 635 -19.58 -8.42 -9.88
CA VAL A 635 -20.28 -9.68 -10.07
C VAL A 635 -21.20 -9.94 -8.88
N ALA B 1 -45.29 11.94 -29.60
CA ALA B 1 -46.17 10.83 -29.25
C ALA B 1 -45.65 10.11 -28.02
N PHE B 2 -46.23 10.43 -26.86
CA PHE B 2 -45.92 9.76 -25.59
C PHE B 2 -47.21 9.34 -24.90
N VAL B 3 -47.14 8.21 -24.18
CA VAL B 3 -48.29 7.67 -23.45
C VAL B 3 -47.84 7.30 -22.04
N HIS B 4 -48.51 7.83 -21.04
CA HIS B 4 -48.24 7.46 -19.66
C HIS B 4 -49.19 6.35 -19.22
N TYR B 5 -48.65 5.39 -18.47
CA TYR B 5 -49.42 4.27 -17.96
C TYR B 5 -49.60 4.47 -16.47
N ASP B 6 -50.85 4.50 -16.00
CA ASP B 6 -51.11 4.81 -14.60
C ASP B 6 -50.61 3.70 -13.70
N LYS B 7 -50.96 2.46 -14.03
CA LYS B 7 -50.70 1.30 -13.19
C LYS B 7 -49.67 0.39 -13.86
N GLU B 8 -49.39 -0.71 -13.20
CA GLU B 8 -48.40 -1.68 -13.62
C GLU B 8 -49.14 -2.93 -14.06
N GLU B 9 -49.27 -3.11 -15.37
CA GLU B 9 -50.00 -4.25 -15.88
C GLU B 9 -49.26 -5.55 -15.57
N ALA B 10 -50.01 -6.67 -15.66
CA ALA B 10 -49.48 -7.97 -15.25
C ALA B 10 -48.26 -8.35 -16.07
N SER B 11 -48.43 -8.51 -17.37
CA SER B 11 -47.34 -8.76 -18.31
C SER B 11 -47.07 -7.51 -19.13
N ASP B 12 -45.94 -7.52 -19.83
CA ASP B 12 -45.56 -6.38 -20.66
C ASP B 12 -46.62 -6.14 -21.72
N VAL B 13 -46.70 -4.90 -22.20
CA VAL B 13 -47.79 -4.45 -23.07
C VAL B 13 -47.31 -4.47 -24.50
N GLU B 14 -47.96 -5.26 -25.36
CA GLU B 14 -47.61 -5.29 -26.77
C GLU B 14 -48.10 -4.02 -27.48
N ILE B 15 -47.25 -3.47 -28.34
CA ILE B 15 -47.47 -2.18 -28.97
C ILE B 15 -47.14 -2.26 -30.44
N SER B 16 -47.56 -1.23 -31.18
CA SER B 16 -47.43 -1.23 -32.62
C SER B 16 -46.01 -0.87 -33.01
N LEU B 17 -45.50 -1.59 -34.01
CA LEU B 17 -44.25 -1.24 -34.67
C LEU B 17 -44.47 -0.60 -36.04
N GLU B 18 -45.71 -0.43 -36.48
CA GLU B 18 -45.99 0.20 -37.77
C GLU B 18 -46.87 1.42 -37.59
#